data_6CBD
#
_entry.id   6CBD
#
_cell.length_a   55.829
_cell.length_b   116.995
_cell.length_c   70.252
_cell.angle_alpha   90.00
_cell.angle_beta   92.64
_cell.angle_gamma   90.00
#
_symmetry.space_group_name_H-M   'P 1 21 1'
#
loop_
_entity.id
_entity.type
_entity.pdbx_description
1 polymer 'Protein argonaute-2'
2 polymer 'Guide RNA'
3 polymer 'Target RNA'
4 non-polymer TRYPTOPHAN
5 non-polymer 'ISOPROPYL ALCOHOL'
6 non-polymer 'MAGNESIUM ION'
7 water water
#
loop_
_entity_poly.entity_id
_entity_poly.type
_entity_poly.pdbx_seq_one_letter_code
_entity_poly.pdbx_strand_id
1 'polypeptide(L)'
;MYSGAGPALAPPAPPPPIQGYAFKPPPRPDFGTSGRTIKLQANFFEMDIPKIDIYHYELDIKPEKCPRRVNREIVEHMVQ
HFKTQIFGDRKPVFDGRKNLYTAMPLPIGRDKVELEVTLPGEGKDRIFKVSIKWVSCVSLQALHDALSGRLPSVPFETIQ
ALDVVMRHLPSMRYTPVGRSFFTASEGCSNPLGGGREVWFGFHQSVRPSLWKMMLNIDVSATAFYKAQPVIEFVCEVLDF
KSIEEQQKPLTDSQRVKFTKEIKGLKVEITHCGQMKRKYRVCNVTRRPASHQTFPLQQESGQTVECTVAQYFKDRHKLVL
RYPHLPCLQVGQEQKHTYLPLEVCNIVAGQRCIKKLTDNQTSTMIRATARSAPDRQEEISKLMRSADFNTDPYVREFGIM
VKDEMTDVTGRVLQPPSILYGGRNKAIATPVQGVWDMRNKQFHTGIEIKVWAIACFAPQRQCTEVHLKSFTEQLRKISRD
AGMPIQGQPCFCKYAQGADSVEPMFRHLKNTYAGLQLVVVILPGKTPVYAEVKRVGDTVLGMATQCVQMKNVQRTTPQTL
SNLCLKINVKLGGVNNILLPQGRPPVFQQPVIFLGADVTHPPAGDGKKPSIAAVVGSMDAHPNRYCATVRVQQHRQEIIQ
DLAAMVRELLIQFYKSTRFKPTRIIFYRDGVSEGQFQQVLHHELLAIREACIKLEKDYQPGITFIVVQKRHHTRLFCTDK
NERVGKSGNIPAGTTVDTKITHPTEFDFYLCSHAGIQGTSRPSHYHVLWDDNRFSSDELQILTYQLCHTYVRCTRSVSIP
APAYYAHLVAFRARYHLVDKEHDSAEGSHTSGQSNGRDHQALAKAVQVHQDTLRTMYFA
;
A
2 'polyribonucleotide' UUCACAUUGCCCAAGUCUCUU B
3 'polyribonucleotide' CAAUGUGAAAA C
#
loop_
_chem_comp.id
_chem_comp.type
_chem_comp.name
_chem_comp.formula
A RNA linking ADENOSINE-5'-MONOPHOSPHATE 'C10 H14 N5 O7 P'
C RNA linking CYTIDINE-5'-MONOPHOSPHATE 'C9 H14 N3 O8 P'
G RNA linking GUANOSINE-5'-MONOPHOSPHATE 'C10 H14 N5 O8 P'
IPA non-polymer 'ISOPROPYL ALCOHOL' 'C3 H8 O'
MG non-polymer 'MAGNESIUM ION' 'Mg 2'
U RNA linking URIDINE-5'-MONOPHOSPHATE 'C9 H13 N2 O9 P'
#
# COMPACT_ATOMS: atom_id res chain seq x y z
N ALA A 22 -26.90 -5.84 -7.08
CA ALA A 22 -25.47 -5.88 -7.33
C ALA A 22 -24.91 -4.50 -7.65
N PHE A 23 -25.37 -3.49 -6.91
CA PHE A 23 -25.04 -2.11 -7.24
C PHE A 23 -24.88 -1.18 -6.03
N LYS A 24 -25.97 -0.87 -5.34
CA LYS A 24 -25.89 0.12 -4.26
C LYS A 24 -25.57 -0.51 -2.90
N PRO A 25 -24.56 0.03 -2.20
CA PRO A 25 -24.13 -0.50 -0.90
C PRO A 25 -25.24 -0.40 0.14
N PRO A 26 -25.30 -1.36 1.06
CA PRO A 26 -26.38 -1.37 2.04
C PRO A 26 -26.21 -0.26 3.06
N PRO A 27 -27.33 0.20 3.65
CA PRO A 27 -27.27 1.19 4.73
C PRO A 27 -26.66 0.57 5.99
N ARG A 28 -26.05 1.40 6.83
CA ARG A 28 -25.61 0.93 8.14
C ARG A 28 -26.82 0.34 8.86
N PRO A 29 -26.71 -0.93 9.28
CA PRO A 29 -27.84 -1.60 9.95
C PRO A 29 -28.10 -1.03 11.34
N ASP A 30 -27.03 -0.76 12.08
CA ASP A 30 -27.10 -0.26 13.45
C ASP A 30 -25.71 0.20 13.88
N PHE A 31 -25.55 0.57 15.14
CA PHE A 31 -24.23 0.89 15.67
C PHE A 31 -23.77 -0.20 16.63
N GLY A 32 -22.46 -0.46 16.65
CA GLY A 32 -21.91 -1.51 17.51
C GLY A 32 -22.01 -1.17 18.98
N THR A 33 -22.08 -2.20 19.83
CA THR A 33 -22.26 -2.01 21.27
C THR A 33 -21.20 -2.72 22.12
N SER A 34 -20.43 -3.60 21.52
CA SER A 34 -19.46 -4.41 22.28
C SER A 34 -18.22 -3.63 22.67
N GLY A 35 -17.61 -4.03 23.78
CA GLY A 35 -16.34 -3.49 24.21
C GLY A 35 -16.41 -2.23 25.06
N ARG A 36 -15.45 -2.08 25.96
CA ARG A 36 -15.36 -0.89 26.79
C ARG A 36 -15.06 0.33 25.91
N THR A 37 -15.44 1.51 26.37
CA THR A 37 -15.24 2.71 25.56
C THR A 37 -13.87 3.32 25.79
N ILE A 38 -13.42 4.08 24.79
CA ILE A 38 -12.13 4.73 24.86
C ILE A 38 -12.23 6.09 24.17
N LYS A 39 -11.63 7.11 24.78
CA LYS A 39 -11.64 8.44 24.19
C LYS A 39 -10.55 8.56 23.14
N LEU A 40 -10.91 9.03 21.96
CA LEU A 40 -9.96 9.15 20.86
C LEU A 40 -9.96 10.53 20.22
N GLN A 41 -8.86 10.84 19.55
CA GLN A 41 -8.79 12.00 18.68
C GLN A 41 -8.41 11.53 17.28
N ALA A 42 -9.11 12.06 16.28
CA ALA A 42 -8.83 11.70 14.90
C ALA A 42 -8.32 12.91 14.13
N ASN A 43 -7.49 12.66 13.11
CA ASN A 43 -6.97 13.73 12.28
C ASN A 43 -8.02 14.17 11.25
N PHE A 44 -9.26 14.30 11.73
CA PHE A 44 -10.37 14.85 10.97
C PHE A 44 -10.73 16.21 11.59
N PHE A 45 -10.86 17.23 10.76
CA PHE A 45 -11.16 18.56 11.27
C PHE A 45 -12.49 19.08 10.73
N GLU A 46 -13.42 19.31 11.64
CA GLU A 46 -14.79 19.69 11.30
C GLU A 46 -14.88 20.94 10.45
N MET A 47 -15.71 20.87 9.42
CA MET A 47 -15.90 22.00 8.53
C MET A 47 -17.31 22.58 8.68
N ASP A 48 -17.39 23.90 8.75
CA ASP A 48 -18.67 24.59 8.72
C ASP A 48 -18.88 25.16 7.33
N ILE A 49 -19.87 24.62 6.63
CA ILE A 49 -20.15 24.97 5.25
C ILE A 49 -21.40 25.84 5.20
N PRO A 50 -21.36 26.94 4.42
CA PRO A 50 -22.54 27.80 4.33
C PRO A 50 -23.67 27.13 3.56
N LYS A 51 -24.87 27.70 3.67
CA LYS A 51 -26.05 27.11 3.05
C LYS A 51 -26.44 27.87 1.78
N ILE A 52 -25.45 28.18 0.96
CA ILE A 52 -25.67 28.98 -0.24
C ILE A 52 -25.47 28.17 -1.51
N ASP A 53 -26.03 28.67 -2.61
CA ASP A 53 -25.71 28.13 -3.92
C ASP A 53 -24.34 28.64 -4.35
N ILE A 54 -23.56 27.76 -4.96
CA ILE A 54 -22.29 28.18 -5.57
C ILE A 54 -22.36 27.83 -7.06
N TYR A 55 -21.53 28.47 -7.86
CA TYR A 55 -21.72 28.45 -9.31
C TYR A 55 -20.58 27.77 -10.05
N HIS A 56 -20.95 26.80 -10.88
CA HIS A 56 -19.99 25.99 -11.62
C HIS A 56 -19.85 26.46 -13.07
N TYR A 57 -18.62 26.71 -13.50
CA TYR A 57 -18.35 27.15 -14.86
C TYR A 57 -17.37 26.21 -15.55
N GLU A 58 -17.47 26.09 -16.86
CA GLU A 58 -16.54 25.26 -17.63
C GLU A 58 -15.51 26.10 -18.37
N LEU A 59 -14.26 25.66 -18.32
CA LEU A 59 -13.16 26.41 -18.93
C LEU A 59 -12.36 25.60 -19.94
N ASP A 60 -12.35 26.05 -21.19
CA ASP A 60 -11.55 25.41 -22.22
C ASP A 60 -10.34 26.29 -22.59
N ILE A 61 -9.16 25.67 -22.63
CA ILE A 61 -7.93 26.40 -22.93
C ILE A 61 -7.20 25.76 -24.12
N LYS A 62 -6.76 26.60 -25.06
CA LYS A 62 -6.02 26.10 -26.22
C LYS A 62 -4.66 26.79 -26.36
N PRO A 63 -3.59 25.98 -26.48
CA PRO A 63 -3.59 24.51 -26.50
C PRO A 63 -3.96 23.88 -25.16
N GLU A 64 -4.39 22.62 -25.21
CA GLU A 64 -4.92 21.94 -24.04
C GLU A 64 -4.03 20.79 -23.58
N LYS A 65 -2.73 20.89 -23.82
CA LYS A 65 -1.78 19.90 -23.33
C LYS A 65 -0.88 20.51 -22.28
N CYS A 66 -0.96 21.82 -22.11
CA CYS A 66 -0.18 22.53 -21.11
C CYS A 66 -0.45 21.93 -19.74
N PRO A 67 0.60 21.81 -18.91
CA PRO A 67 0.51 21.23 -17.58
C PRO A 67 -0.56 21.88 -16.72
N ARG A 68 -1.09 21.12 -15.78
CA ARG A 68 -2.14 21.59 -14.88
C ARG A 68 -1.75 22.89 -14.19
N ARG A 69 -0.48 22.99 -13.82
CA ARG A 69 0.04 24.18 -13.16
C ARG A 69 0.02 25.39 -14.10
N VAL A 70 0.35 25.17 -15.37
CA VAL A 70 0.30 26.22 -16.37
C VAL A 70 -1.13 26.73 -16.53
N ASN A 71 -2.08 25.80 -16.54
CA ASN A 71 -3.50 26.14 -16.62
C ASN A 71 -3.96 26.99 -15.44
N ARG A 72 -3.52 26.62 -14.24
CA ARG A 72 -3.83 27.39 -13.05
C ARG A 72 -3.25 28.79 -13.17
N GLU A 73 -2.03 28.87 -13.67
CA GLU A 73 -1.34 30.14 -13.89
C GLU A 73 -2.18 31.02 -14.81
N ILE A 74 -2.52 30.49 -15.97
CA ILE A 74 -3.33 31.20 -16.97
C ILE A 74 -4.59 31.81 -16.39
N VAL A 75 -5.34 31.01 -15.63
CA VAL A 75 -6.60 31.45 -15.06
C VAL A 75 -6.43 32.58 -14.04
N GLU A 76 -5.45 32.44 -13.15
CA GLU A 76 -5.27 33.40 -12.07
C GLU A 76 -4.80 34.77 -12.57
N HIS A 77 -3.98 34.77 -13.62
CA HIS A 77 -3.58 36.03 -14.24
C HIS A 77 -4.77 36.62 -14.98
N MET A 78 -5.59 35.74 -15.56
CA MET A 78 -6.81 36.13 -16.24
C MET A 78 -7.82 36.78 -15.28
N VAL A 79 -8.05 36.13 -14.15
CA VAL A 79 -9.03 36.60 -13.17
C VAL A 79 -8.70 38.01 -12.68
N GLN A 80 -7.43 38.27 -12.41
CA GLN A 80 -7.00 39.57 -11.91
C GLN A 80 -6.79 40.56 -13.05
N HIS A 81 -7.11 40.12 -14.26
CA HIS A 81 -7.02 40.98 -15.45
C HIS A 81 -8.40 41.51 -15.82
N PHE A 82 -9.39 40.63 -15.79
CA PHE A 82 -10.74 40.95 -16.21
C PHE A 82 -11.65 41.29 -15.03
N LYS A 83 -11.06 41.93 -14.02
CA LYS A 83 -11.78 42.30 -12.79
C LYS A 83 -13.08 43.03 -13.09
N THR A 84 -12.97 44.21 -13.69
CA THR A 84 -14.12 45.01 -14.06
C THR A 84 -14.59 44.68 -15.47
N GLN A 85 -14.38 43.43 -15.87
CA GLN A 85 -14.77 42.93 -17.19
C GLN A 85 -14.18 43.77 -18.32
N PHE A 87 -15.75 39.29 -13.04
CA PHE A 87 -14.97 38.81 -11.91
C PHE A 87 -14.89 39.85 -10.80
N GLY A 88 -16.03 40.17 -10.21
CA GLY A 88 -16.09 41.14 -9.13
C GLY A 88 -15.56 40.60 -7.82
N LYS A 91 -13.61 36.06 -6.29
CA LYS A 91 -12.48 35.16 -6.01
C LYS A 91 -12.82 33.72 -6.35
N PRO A 92 -12.72 33.36 -7.65
CA PRO A 92 -13.04 32.01 -8.10
C PRO A 92 -11.93 31.00 -7.81
N VAL A 93 -12.30 29.72 -7.69
CA VAL A 93 -11.33 28.65 -7.53
C VAL A 93 -11.33 27.77 -8.77
N PHE A 94 -10.20 27.11 -9.03
CA PHE A 94 -9.99 26.40 -10.28
C PHE A 94 -9.31 25.05 -10.02
N ASP A 95 -9.77 24.00 -10.70
CA ASP A 95 -9.26 22.66 -10.47
C ASP A 95 -8.09 22.32 -11.37
N GLY A 96 -7.66 23.28 -12.19
CA GLY A 96 -6.49 23.11 -13.02
C GLY A 96 -6.78 22.53 -14.39
N ARG A 97 -8.04 22.20 -14.66
CA ARG A 97 -8.39 21.59 -15.94
C ARG A 97 -9.60 22.25 -16.62
N LYS A 98 -10.80 21.93 -16.15
CA LYS A 98 -12.02 22.34 -16.84
C LYS A 98 -13.02 23.05 -15.93
N ASN A 99 -12.81 23.01 -14.63
CA ASN A 99 -13.84 23.47 -13.70
C ASN A 99 -13.48 24.67 -12.84
N LEU A 100 -14.38 25.66 -12.85
CA LEU A 100 -14.21 26.89 -12.07
C LEU A 100 -15.45 27.12 -11.21
N TYR A 101 -15.26 27.64 -10.01
CA TYR A 101 -16.36 27.84 -9.07
C TYR A 101 -16.35 29.24 -8.47
N THR A 102 -17.53 29.85 -8.35
CA THR A 102 -17.66 31.16 -7.73
C THR A 102 -18.74 31.13 -6.65
N ALA A 103 -18.55 31.93 -5.60
CA ALA A 103 -19.52 32.00 -4.51
C ALA A 103 -20.74 32.82 -4.92
N MET A 104 -20.49 33.96 -5.56
CA MET A 104 -21.55 34.77 -6.15
C MET A 104 -21.43 34.65 -7.67
N PRO A 105 -22.58 34.73 -8.38
CA PRO A 105 -22.55 34.42 -9.81
C PRO A 105 -21.91 35.52 -10.66
N LEU A 106 -21.46 35.14 -11.85
CA LEU A 106 -20.87 36.06 -12.80
C LEU A 106 -21.94 36.71 -13.65
N PRO A 107 -21.63 37.85 -14.29
CA PRO A 107 -22.56 38.43 -15.27
C PRO A 107 -22.76 37.48 -16.45
N ILE A 108 -21.71 36.70 -16.73
CA ILE A 108 -21.70 35.71 -17.81
C ILE A 108 -22.90 34.76 -17.77
N ASP A 111 -24.08 32.09 -20.65
CA ASP A 111 -23.69 32.56 -21.97
C ASP A 111 -22.18 32.46 -22.15
N LYS A 112 -21.76 31.62 -23.09
CA LYS A 112 -20.33 31.37 -23.33
C LYS A 112 -19.55 32.62 -23.72
N VAL A 113 -18.31 32.71 -23.25
CA VAL A 113 -17.41 33.81 -23.61
C VAL A 113 -16.01 33.27 -23.90
N GLU A 114 -15.36 33.81 -24.93
CA GLU A 114 -13.99 33.42 -25.26
C GLU A 114 -13.02 34.59 -25.09
N LEU A 115 -11.95 34.36 -24.34
CA LEU A 115 -11.06 35.46 -23.95
C LEU A 115 -9.62 35.28 -24.45
N GLU A 116 -8.77 36.25 -24.13
CA GLU A 116 -7.39 36.27 -24.61
C GLU A 116 -6.44 36.64 -23.47
N VAL A 117 -5.40 35.85 -23.29
CA VAL A 117 -4.42 36.11 -22.22
C VAL A 117 -2.98 35.92 -22.69
N THR A 118 -2.04 36.48 -21.93
CA THR A 118 -0.63 36.48 -22.28
C THR A 118 0.22 35.91 -21.13
N LEU A 119 1.16 35.04 -21.51
CA LEU A 119 2.01 34.30 -20.57
C LEU A 119 3.38 34.96 -20.38
N PRO A 120 3.97 34.80 -19.19
CA PRO A 120 5.38 35.16 -18.99
C PRO A 120 6.32 34.21 -19.72
N ILE A 127 -1.08 34.55 -25.50
CA ILE A 127 -1.28 33.63 -26.62
C ILE A 127 -2.06 32.39 -26.14
N PHE A 128 -3.09 32.65 -25.33
CA PHE A 128 -4.08 31.65 -24.94
C PHE A 128 -5.53 32.16 -25.07
N LYS A 129 -6.40 31.26 -25.49
CA LYS A 129 -7.83 31.53 -25.58
C LYS A 129 -8.56 30.70 -24.53
N VAL A 130 -9.35 31.37 -23.70
CA VAL A 130 -10.07 30.69 -22.62
C VAL A 130 -11.57 30.81 -22.82
N SER A 131 -12.23 29.66 -22.98
CA SER A 131 -13.67 29.60 -23.09
C SER A 131 -14.31 29.48 -21.70
N ILE A 132 -15.09 30.47 -21.31
CA ILE A 132 -15.73 30.48 -20.00
C ILE A 132 -17.25 30.49 -20.10
N LYS A 133 -17.89 29.38 -19.71
CA LYS A 133 -19.34 29.28 -19.79
C LYS A 133 -19.94 28.64 -18.54
N TRP A 134 -21.16 29.07 -18.21
CA TRP A 134 -21.90 28.55 -17.07
C TRP A 134 -22.50 27.18 -17.40
N VAL A 135 -22.38 26.23 -16.47
CA VAL A 135 -22.97 24.91 -16.67
C VAL A 135 -24.09 24.60 -15.68
N SER A 136 -23.90 24.94 -14.40
CA SER A 136 -24.88 24.59 -13.37
C SER A 136 -24.68 25.31 -12.05
N CYS A 137 -25.58 25.06 -11.11
CA CYS A 137 -25.45 25.55 -9.74
C CYS A 137 -25.26 24.39 -8.77
N VAL A 138 -24.34 24.57 -7.83
CA VAL A 138 -24.11 23.56 -6.79
C VAL A 138 -24.62 24.08 -5.47
N SER A 139 -25.60 23.38 -4.90
CA SER A 139 -26.18 23.77 -3.62
C SER A 139 -25.53 23.02 -2.47
N LEU A 140 -24.85 23.75 -1.62
CA LEU A 140 -24.21 23.17 -0.43
C LEU A 140 -25.27 22.65 0.51
N GLN A 141 -26.46 23.26 0.46
CA GLN A 141 -27.60 22.83 1.28
C GLN A 141 -28.02 21.41 0.96
N ALA A 142 -27.99 21.05 -0.31
CA ALA A 142 -28.27 19.68 -0.72
C ALA A 142 -27.28 18.74 -0.04
N LEU A 143 -26.03 19.18 0.07
CA LEU A 143 -25.02 18.41 0.77
C LEU A 143 -25.34 18.31 2.26
N HIS A 144 -25.79 19.41 2.85
CA HIS A 144 -26.22 19.41 4.25
C HIS A 144 -27.28 18.33 4.51
N ASP A 145 -28.18 18.15 3.54
CA ASP A 145 -29.25 17.18 3.65
C ASP A 145 -28.73 15.75 3.52
N ALA A 146 -27.70 15.57 2.69
CA ALA A 146 -27.08 14.27 2.52
C ALA A 146 -26.30 13.87 3.77
N LEU A 147 -25.71 14.86 4.42
CA LEU A 147 -25.04 14.64 5.70
C LEU A 147 -26.08 14.33 6.77
N SER A 148 -27.28 14.88 6.58
CA SER A 148 -28.44 14.48 7.37
C SER A 148 -28.97 13.15 6.84
N GLY A 149 -30.16 12.75 7.26
CA GLY A 149 -30.76 11.52 6.80
C GLY A 149 -31.66 11.72 5.60
N ARG A 150 -31.87 12.98 5.25
CA ARG A 150 -32.82 13.34 4.19
C ARG A 150 -32.43 12.78 2.81
N LEU A 151 -31.16 12.90 2.44
CA LEU A 151 -30.70 12.32 1.18
C LEU A 151 -29.92 11.03 1.42
N PRO A 152 -30.29 9.96 0.70
CA PRO A 152 -29.67 8.63 0.82
C PRO A 152 -28.19 8.62 0.42
N SER A 153 -27.84 9.38 -0.61
CA SER A 153 -26.46 9.41 -1.07
C SER A 153 -25.90 10.83 -1.11
N VAL A 154 -24.61 10.94 -0.81
CA VAL A 154 -23.91 12.22 -0.87
C VAL A 154 -23.65 12.60 -2.33
N PRO A 155 -24.09 13.81 -2.72
CA PRO A 155 -23.86 14.28 -4.10
C PRO A 155 -22.37 14.56 -4.33
N PHE A 156 -21.73 13.73 -5.14
CA PHE A 156 -20.29 13.80 -5.36
C PHE A 156 -19.82 15.15 -5.86
N GLU A 157 -20.58 15.76 -6.77
CA GLU A 157 -20.19 17.02 -7.39
C GLU A 157 -20.04 18.14 -6.36
N THR A 158 -20.78 18.04 -5.25
CA THR A 158 -20.68 19.01 -4.18
C THR A 158 -19.37 18.82 -3.42
N ILE A 159 -19.03 17.57 -3.15
CA ILE A 159 -17.79 17.23 -2.46
C ILE A 159 -16.59 17.66 -3.29
N GLN A 160 -16.66 17.44 -4.59
CA GLN A 160 -15.57 17.82 -5.48
C GLN A 160 -15.39 19.34 -5.50
N ALA A 161 -16.50 20.06 -5.51
CA ALA A 161 -16.47 21.52 -5.50
C ALA A 161 -15.76 22.03 -4.24
N LEU A 162 -16.13 21.47 -3.09
CA LEU A 162 -15.50 21.82 -1.83
C LEU A 162 -14.01 21.48 -1.85
N ASP A 163 -13.67 20.35 -2.44
CA ASP A 163 -12.27 19.93 -2.53
C ASP A 163 -11.47 20.92 -3.36
N VAL A 164 -12.06 21.41 -4.44
CA VAL A 164 -11.39 22.38 -5.31
C VAL A 164 -11.16 23.70 -4.56
N VAL A 165 -12.16 24.11 -3.78
CA VAL A 165 -12.01 25.29 -2.94
C VAL A 165 -10.82 25.14 -1.99
N MET A 166 -10.80 24.04 -1.25
CA MET A 166 -9.75 23.80 -0.25
C MET A 166 -8.38 23.58 -0.86
N ARG A 167 -8.34 23.27 -2.16
CA ARG A 167 -7.09 22.91 -2.81
C ARG A 167 -6.51 24.04 -3.68
N HIS A 168 -7.31 25.07 -3.92
CA HIS A 168 -6.92 26.13 -4.85
C HIS A 168 -5.58 26.80 -4.50
N LEU A 169 -5.50 27.36 -3.29
CA LEU A 169 -4.31 28.08 -2.88
C LEU A 169 -3.07 27.18 -2.73
N PRO A 170 -3.18 26.07 -1.95
CA PRO A 170 -1.95 25.28 -1.77
C PRO A 170 -1.46 24.62 -3.07
N SER A 171 -2.28 24.59 -4.11
CA SER A 171 -1.89 24.00 -5.39
C SER A 171 -0.96 24.92 -6.17
N MET A 172 -0.94 26.20 -5.80
CA MET A 172 -0.07 27.16 -6.46
C MET A 172 1.05 27.57 -5.52
N ARG A 173 0.79 27.45 -4.23
CA ARG A 173 1.77 27.79 -3.21
C ARG A 173 2.78 26.66 -3.02
N TYR A 174 2.28 25.42 -3.06
CA TYR A 174 3.14 24.26 -2.83
C TYR A 174 3.27 23.40 -4.08
N THR A 175 3.95 22.26 -3.92
CA THR A 175 4.09 21.28 -4.99
C THR A 175 3.15 20.12 -4.74
N PRO A 176 2.11 20.00 -5.59
CA PRO A 176 1.11 18.92 -5.45
C PRO A 176 1.68 17.55 -5.79
N VAL A 177 1.47 16.58 -4.91
CA VAL A 177 1.76 15.19 -5.21
C VAL A 177 0.56 14.35 -4.78
N GLY A 178 -0.27 13.95 -5.73
CA GLY A 178 -1.49 13.23 -5.42
C GLY A 178 -2.46 14.14 -4.70
N ARG A 179 -2.91 13.71 -3.52
CA ARG A 179 -3.79 14.53 -2.70
C ARG A 179 -2.97 15.27 -1.65
N SER A 180 -1.65 15.25 -1.80
CA SER A 180 -0.77 15.88 -0.85
C SER A 180 -0.11 17.15 -1.39
N PHE A 181 0.58 17.85 -0.49
CA PHE A 181 1.28 19.08 -0.84
C PHE A 181 2.64 19.10 -0.17
N PHE A 182 3.68 19.40 -0.94
CA PHE A 182 5.03 19.41 -0.40
C PHE A 182 5.74 20.73 -0.64
N THR A 183 6.69 21.05 0.23
CA THR A 183 7.51 22.25 0.10
C THR A 183 8.82 22.07 0.83
N ALA A 184 9.84 22.81 0.42
CA ALA A 184 11.10 22.81 1.15
C ALA A 184 10.90 23.46 2.51
N SER A 185 11.36 22.78 3.56
CA SER A 185 11.16 23.27 4.92
C SER A 185 12.15 24.38 5.25
N GLU A 186 11.63 25.58 5.48
CA GLU A 186 12.46 26.74 5.78
C GLU A 186 13.26 26.56 7.07
N GLY A 187 14.54 26.92 7.02
CA GLY A 187 15.40 26.82 8.17
C GLY A 187 16.14 25.49 8.29
N CYS A 188 15.64 24.49 7.58
CA CYS A 188 16.27 23.17 7.63
C CYS A 188 16.69 22.69 6.26
N SER A 189 17.80 21.96 6.24
CA SER A 189 18.19 21.19 5.07
C SER A 189 18.16 19.73 5.48
N ASN A 190 17.48 18.91 4.70
CA ASN A 190 17.45 17.48 4.97
C ASN A 190 18.02 16.72 3.79
N PRO A 191 19.35 16.83 3.58
CA PRO A 191 19.96 16.19 2.41
C PRO A 191 19.95 14.67 2.52
N LEU A 192 19.84 14.01 1.37
CA LEU A 192 19.91 12.56 1.31
C LEU A 192 21.19 12.15 0.60
N GLY A 193 21.86 13.14 0.02
CA GLY A 193 23.02 12.89 -0.80
C GLY A 193 22.57 12.51 -2.20
N GLY A 194 23.51 12.50 -3.14
CA GLY A 194 23.19 12.16 -4.52
C GLY A 194 22.34 13.21 -5.20
N GLY A 195 22.29 14.40 -4.62
CA GLY A 195 21.51 15.49 -5.18
C GLY A 195 20.07 15.49 -4.71
N ARG A 196 19.80 14.71 -3.67
CA ARG A 196 18.43 14.56 -3.17
C ARG A 196 18.29 15.06 -1.74
N GLU A 197 17.07 15.46 -1.39
CA GLU A 197 16.76 15.94 -0.04
C GLU A 197 15.32 15.63 0.33
N VAL A 198 15.01 15.75 1.61
CA VAL A 198 13.68 15.46 2.10
C VAL A 198 12.81 16.72 2.14
N TRP A 199 11.70 16.69 1.42
CA TRP A 199 10.68 17.72 1.55
C TRP A 199 9.57 17.22 2.48
N PHE A 200 9.15 18.09 3.39
CA PHE A 200 8.04 17.74 4.26
C PHE A 200 6.73 18.28 3.73
N GLY A 201 5.65 17.59 4.01
CA GLY A 201 4.36 17.99 3.48
C GLY A 201 3.17 17.41 4.25
N PHE A 202 2.02 17.42 3.59
CA PHE A 202 0.81 16.92 4.21
C PHE A 202 -0.21 16.43 3.20
N HIS A 203 -0.97 15.41 3.60
CA HIS A 203 -2.14 14.98 2.85
C HIS A 203 -3.34 15.84 3.23
N GLN A 204 -4.17 16.15 2.24
CA GLN A 204 -5.40 16.89 2.47
C GLN A 204 -6.54 16.30 1.66
N SER A 205 -7.66 16.03 2.32
CA SER A 205 -8.85 15.56 1.61
C SER A 205 -10.13 15.98 2.32
N VAL A 206 -11.18 16.15 1.54
CA VAL A 206 -12.48 16.56 2.05
C VAL A 206 -13.43 15.38 1.99
N ARG A 207 -14.09 15.09 3.10
CA ARG A 207 -15.00 13.94 3.13
C ARG A 207 -16.20 14.12 4.04
N PRO A 208 -17.34 13.53 3.63
CA PRO A 208 -18.56 13.59 4.42
C PRO A 208 -18.48 12.64 5.59
N SER A 209 -19.25 12.90 6.64
CA SER A 209 -19.27 12.00 7.79
C SER A 209 -20.64 12.00 8.44
N LEU A 210 -20.78 11.23 9.51
CA LEU A 210 -22.02 11.16 10.27
C LEU A 210 -22.29 12.48 10.98
N TRP A 211 -21.22 13.22 11.23
CA TRP A 211 -21.31 14.48 11.95
C TRP A 211 -21.39 15.67 10.99
N LYS A 212 -20.24 16.11 10.50
CA LYS A 212 -20.17 17.21 9.55
C LYS A 212 -19.24 16.87 8.40
N MET A 213 -19.03 17.82 7.50
CA MET A 213 -17.95 17.70 6.54
C MET A 213 -16.64 17.74 7.32
N MET A 214 -15.70 16.90 6.91
CA MET A 214 -14.43 16.78 7.62
C MET A 214 -13.25 17.05 6.71
N LEU A 215 -12.29 17.83 7.20
CA LEU A 215 -11.02 17.98 6.51
C LEU A 215 -10.00 17.00 7.11
N ASN A 216 -9.64 15.98 6.34
CA ASN A 216 -8.67 14.98 6.77
C ASN A 216 -7.26 15.44 6.45
N ILE A 217 -6.43 15.57 7.49
CA ILE A 217 -5.07 16.06 7.34
C ILE A 217 -4.06 15.11 7.98
N ASP A 218 -3.04 14.72 7.22
CA ASP A 218 -1.95 13.93 7.78
C ASP A 218 -0.63 14.49 7.27
N VAL A 219 0.44 14.36 8.06
CA VAL A 219 1.74 14.86 7.65
C VAL A 219 2.52 13.77 6.92
N SER A 220 3.36 14.19 5.98
CA SER A 220 4.17 13.24 5.23
C SER A 220 5.50 13.84 4.81
N ALA A 221 6.34 13.01 4.20
CA ALA A 221 7.63 13.45 3.68
C ALA A 221 7.99 12.62 2.46
N THR A 222 8.77 13.19 1.55
CA THR A 222 9.16 12.48 0.34
C THR A 222 10.42 13.09 -0.28
N ALA A 223 11.07 12.34 -1.16
CA ALA A 223 12.34 12.74 -1.74
C ALA A 223 12.19 13.69 -2.93
N PHE A 224 12.90 14.80 -2.88
CA PHE A 224 12.97 15.76 -3.97
C PHE A 224 14.41 15.99 -4.40
N TYR A 225 14.59 16.49 -5.62
CA TYR A 225 15.93 16.87 -6.08
C TYR A 225 16.24 18.30 -5.65
N LYS A 226 17.48 18.52 -5.20
CA LYS A 226 17.89 19.85 -4.76
C LYS A 226 17.91 20.85 -5.91
N ALA A 227 17.45 22.06 -5.66
CA ALA A 227 17.53 23.12 -6.65
C ALA A 227 18.91 23.76 -6.64
N GLN A 228 19.90 22.96 -7.01
CA GLN A 228 21.29 23.39 -6.99
C GLN A 228 21.83 23.52 -8.40
N PRO A 229 22.97 24.21 -8.57
CA PRO A 229 23.64 24.19 -9.87
C PRO A 229 24.01 22.76 -10.28
N VAL A 230 23.97 22.47 -11.57
CA VAL A 230 24.27 21.12 -12.06
C VAL A 230 25.67 20.68 -11.63
N ILE A 231 26.60 21.63 -11.57
CA ILE A 231 27.96 21.33 -11.12
C ILE A 231 27.98 20.72 -9.73
N GLU A 232 27.24 21.29 -8.80
CA GLU A 232 27.12 20.74 -7.45
C GLU A 232 26.43 19.38 -7.50
N PHE A 233 25.46 19.24 -8.39
CA PHE A 233 24.74 17.99 -8.59
C PHE A 233 25.69 16.90 -9.09
N VAL A 234 26.58 17.27 -10.01
CA VAL A 234 27.60 16.36 -10.51
C VAL A 234 28.47 15.84 -9.37
N CYS A 235 28.88 16.76 -8.49
CA CYS A 235 29.78 16.41 -7.39
C CYS A 235 29.13 15.49 -6.37
N GLU A 236 27.84 15.71 -6.10
CA GLU A 236 27.12 14.86 -5.15
C GLU A 236 26.90 13.47 -5.72
N VAL A 237 26.64 13.41 -7.02
CA VAL A 237 26.40 12.14 -7.72
C VAL A 237 27.67 11.30 -7.83
N LEU A 238 28.77 11.96 -8.19
CA LEU A 238 30.04 11.28 -8.40
C LEU A 238 30.88 11.20 -7.13
N ASP A 239 30.29 11.62 -6.01
CA ASP A 239 30.95 11.62 -4.71
C ASP A 239 32.23 12.46 -4.73
N PHE A 240 32.13 13.66 -5.27
CA PHE A 240 33.24 14.60 -5.28
C PHE A 240 33.15 15.57 -4.10
N LYS A 241 34.29 16.10 -3.68
CA LYS A 241 34.33 17.02 -2.55
C LYS A 241 34.18 18.47 -3.00
N SER A 242 34.92 18.84 -4.04
CA SER A 242 34.90 20.21 -4.55
C SER A 242 34.25 20.29 -5.93
N ILE A 243 35.08 20.19 -6.97
CA ILE A 243 34.59 20.19 -8.35
C ILE A 243 35.40 19.24 -9.22
N GLU A 245 38.78 17.91 -8.84
CA GLU A 245 39.03 16.49 -9.02
C GLU A 245 38.91 16.08 -10.48
N LYS A 248 40.24 17.30 -15.31
CA LYS A 248 40.21 16.40 -16.46
C LYS A 248 38.78 16.08 -16.87
N PRO A 249 38.59 15.61 -18.13
CA PRO A 249 37.29 15.09 -18.56
C PRO A 249 36.89 13.84 -17.77
N LEU A 250 35.61 13.47 -17.86
CA LEU A 250 35.06 12.42 -17.02
C LEU A 250 35.35 11.02 -17.54
N THR A 251 35.58 10.10 -16.61
CA THR A 251 35.64 8.67 -16.90
C THR A 251 34.34 8.23 -17.54
N ASP A 252 34.39 7.25 -18.43
CA ASP A 252 33.18 6.68 -19.02
C ASP A 252 32.21 6.24 -17.92
N SER A 253 32.76 5.68 -16.85
CA SER A 253 31.96 5.26 -15.70
C SER A 253 31.36 6.47 -14.98
N GLN A 254 32.12 7.55 -14.89
CA GLN A 254 31.64 8.78 -14.29
C GLN A 254 30.57 9.42 -15.17
N ARG A 255 30.80 9.41 -16.48
CA ARG A 255 29.89 10.02 -17.43
C ARG A 255 28.56 9.27 -17.51
N VAL A 256 28.62 7.94 -17.45
CA VAL A 256 27.41 7.15 -17.56
C VAL A 256 26.57 7.26 -16.29
N LYS A 257 27.23 7.30 -15.14
CA LYS A 257 26.52 7.40 -13.87
C LYS A 257 25.78 8.73 -13.76
N PHE A 258 26.49 9.82 -14.09
CA PHE A 258 25.91 11.14 -14.08
C PHE A 258 24.79 11.26 -15.12
N THR A 259 24.95 10.55 -16.23
CA THR A 259 23.94 10.54 -17.28
C THR A 259 22.65 9.90 -16.78
N LYS A 260 22.79 8.81 -16.04
CA LYS A 260 21.63 8.05 -15.57
C LYS A 260 20.90 8.78 -14.44
N GLU A 261 21.56 9.77 -13.85
CA GLU A 261 20.97 10.50 -12.72
C GLU A 261 20.25 11.76 -13.16
N ILE A 262 20.71 12.37 -14.26
CA ILE A 262 20.17 13.66 -14.66
C ILE A 262 19.26 13.57 -15.89
N LYS A 263 19.30 12.44 -16.60
CA LYS A 263 18.49 12.25 -17.79
C LYS A 263 17.00 12.21 -17.44
N GLY A 264 16.24 13.14 -18.00
CA GLY A 264 14.82 13.22 -17.73
C GLY A 264 14.46 14.34 -16.77
N LEU A 265 15.47 14.87 -16.09
CA LEU A 265 15.26 15.96 -15.14
C LEU A 265 15.16 17.30 -15.86
N LYS A 266 14.58 18.29 -15.18
CA LYS A 266 14.46 19.62 -15.75
C LYS A 266 15.55 20.56 -15.24
N VAL A 267 16.02 21.44 -16.12
CA VAL A 267 17.02 22.44 -15.74
C VAL A 267 16.65 23.81 -16.28
N GLU A 268 17.20 24.85 -15.66
CA GLU A 268 16.99 26.23 -16.09
C GLU A 268 18.31 26.99 -16.10
N ILE A 269 18.37 28.10 -16.83
CA ILE A 269 19.56 28.92 -16.87
C ILE A 269 19.57 29.96 -15.76
N LYS A 278 13.99 26.89 -19.14
CA LYS A 278 13.32 25.67 -18.72
C LYS A 278 13.46 24.57 -19.78
N TYR A 279 14.25 23.55 -19.47
CA TYR A 279 14.49 22.45 -20.39
C TYR A 279 14.52 21.11 -19.67
N ARG A 280 14.16 20.04 -20.38
CA ARG A 280 14.28 18.70 -19.83
C ARG A 280 15.45 17.98 -20.48
N VAL A 281 16.35 17.45 -19.66
CA VAL A 281 17.56 16.79 -20.15
C VAL A 281 17.25 15.43 -20.75
N CYS A 282 17.68 15.23 -21.99
CA CYS A 282 17.46 13.95 -22.67
C CYS A 282 18.76 13.17 -22.85
N ASN A 283 19.89 13.85 -22.71
CA ASN A 283 21.18 13.19 -22.91
C ASN A 283 22.37 13.97 -22.33
N VAL A 284 23.46 13.26 -22.08
CA VAL A 284 24.75 13.86 -21.73
C VAL A 284 25.75 13.53 -22.83
N THR A 285 26.40 14.56 -23.37
CA THR A 285 27.31 14.39 -24.50
C THR A 285 28.51 13.51 -24.15
N ARG A 286 29.15 12.96 -25.18
CA ARG A 286 30.34 12.13 -24.99
C ARG A 286 31.57 13.01 -24.92
N ARG A 287 31.51 14.15 -25.62
CA ARG A 287 32.61 15.11 -25.67
C ARG A 287 32.42 16.22 -24.64
N PRO A 288 33.53 16.74 -24.10
CA PRO A 288 33.48 17.95 -23.29
C PRO A 288 33.08 19.16 -24.15
N ALA A 289 32.72 20.27 -23.51
CA ALA A 289 32.25 21.46 -24.22
C ALA A 289 33.30 22.02 -25.18
N SER A 290 34.56 21.68 -24.93
CA SER A 290 35.66 22.13 -25.77
C SER A 290 35.54 21.64 -27.21
N HIS A 291 35.20 20.36 -27.37
CA HIS A 291 35.22 19.74 -28.69
C HIS A 291 33.83 19.45 -29.24
N GLN A 292 32.83 19.39 -28.37
CA GLN A 292 31.45 19.14 -28.78
C GLN A 292 30.96 20.19 -29.78
N THR A 293 30.63 19.74 -30.98
CA THR A 293 30.35 20.65 -32.10
C THR A 293 28.92 20.53 -32.60
N PHE A 294 28.36 21.64 -33.08
CA PHE A 294 27.06 21.66 -33.72
C PHE A 294 27.13 22.55 -34.97
N PRO A 295 26.37 22.19 -36.02
CA PRO A 295 26.42 22.94 -37.28
C PRO A 295 25.95 24.40 -37.14
N LEU A 296 26.79 25.32 -37.62
CA LEU A 296 26.56 26.78 -37.65
C LEU A 296 25.15 27.24 -37.27
N CYS A 306 32.51 26.22 -34.16
CA CYS A 306 31.15 25.74 -33.99
C CYS A 306 31.03 24.80 -32.80
N THR A 307 32.01 24.85 -31.90
CA THR A 307 31.95 24.08 -30.66
C THR A 307 30.97 24.73 -29.70
N VAL A 308 30.68 24.06 -28.59
CA VAL A 308 29.78 24.61 -27.58
C VAL A 308 30.47 25.72 -26.80
N ALA A 309 31.72 25.47 -26.42
CA ALA A 309 32.51 26.44 -25.68
C ALA A 309 32.70 27.74 -26.46
N GLN A 310 32.95 27.61 -27.76
CA GLN A 310 33.19 28.78 -28.59
C GLN A 310 31.93 29.60 -28.87
N TYR A 311 30.79 28.93 -28.97
CA TYR A 311 29.53 29.62 -29.17
C TYR A 311 29.21 30.52 -27.97
N PHE A 312 29.54 30.04 -26.78
CA PHE A 312 29.30 30.79 -25.56
C PHE A 312 30.36 31.88 -25.35
N LYS A 313 31.56 31.64 -25.86
CA LYS A 313 32.61 32.65 -25.83
C LYS A 313 32.24 33.81 -26.75
N ASP A 314 31.62 33.47 -27.89
CA ASP A 314 31.29 34.46 -28.91
C ASP A 314 29.99 35.20 -28.64
N ARG A 315 28.88 34.47 -28.71
CA ARG A 315 27.55 35.07 -28.63
C ARG A 315 27.24 35.74 -27.29
N HIS A 316 27.60 35.06 -26.20
CA HIS A 316 27.23 35.54 -24.87
C HIS A 316 28.42 36.12 -24.10
N LYS A 317 29.57 36.17 -24.75
CA LYS A 317 30.82 36.64 -24.15
C LYS A 317 31.07 35.94 -22.82
N LEU A 318 30.94 34.61 -22.83
CA LEU A 318 31.09 33.81 -21.63
C LEU A 318 32.15 32.72 -21.82
N VAL A 319 33.24 32.84 -21.07
CA VAL A 319 34.31 31.84 -21.11
C VAL A 319 34.08 30.78 -20.03
N LEU A 320 33.88 29.54 -20.45
CA LEU A 320 33.54 28.46 -19.53
C LEU A 320 34.67 28.12 -18.57
N ARG A 321 34.33 28.01 -17.29
CA ARG A 321 35.30 27.69 -16.24
C ARG A 321 35.72 26.23 -16.30
N TYR A 322 34.80 25.35 -16.71
CA TYR A 322 35.09 23.92 -16.79
C TYR A 322 34.71 23.35 -18.16
N PRO A 323 35.50 23.70 -19.20
CA PRO A 323 35.20 23.24 -20.56
C PRO A 323 35.48 21.75 -20.73
N HIS A 324 36.19 21.16 -19.79
CA HIS A 324 36.55 19.75 -19.85
C HIS A 324 35.39 18.83 -19.46
N LEU A 325 34.28 19.43 -19.05
CA LEU A 325 33.09 18.67 -18.68
C LEU A 325 32.11 18.61 -19.85
N PRO A 326 31.35 17.50 -19.95
CA PRO A 326 30.40 17.32 -21.05
C PRO A 326 29.20 18.26 -20.96
N CYS A 327 28.33 18.22 -21.97
CA CYS A 327 27.17 19.10 -22.01
C CYS A 327 25.86 18.33 -21.87
N LEU A 328 24.88 18.95 -21.26
CA LEU A 328 23.53 18.41 -21.23
C LEU A 328 22.89 18.64 -22.59
N GLN A 329 22.25 17.62 -23.15
CA GLN A 329 21.47 17.81 -24.38
C GLN A 329 20.00 18.00 -24.01
N VAL A 330 19.41 19.07 -24.50
CA VAL A 330 18.02 19.38 -24.18
C VAL A 330 17.22 19.68 -25.44
N THR A 337 21.27 20.90 -29.68
CA THR A 337 20.96 21.88 -28.63
C THR A 337 21.58 21.45 -27.30
N TYR A 338 22.71 22.06 -26.96
CA TYR A 338 23.47 21.64 -25.79
C TYR A 338 23.72 22.77 -24.80
N LEU A 339 23.56 22.47 -23.52
CA LEU A 339 23.82 23.43 -22.47
C LEU A 339 25.04 23.01 -21.65
N PRO A 340 26.00 23.91 -21.47
CA PRO A 340 27.10 23.64 -20.53
C PRO A 340 26.57 23.50 -19.10
N LEU A 341 27.14 22.61 -18.32
CA LEU A 341 26.67 22.35 -16.96
C LEU A 341 26.71 23.61 -16.10
N GLU A 342 27.65 24.49 -16.42
CA GLU A 342 27.96 25.66 -15.61
C GLU A 342 26.84 26.68 -15.55
N VAL A 343 26.07 26.78 -16.63
CA VAL A 343 25.00 27.77 -16.72
C VAL A 343 23.63 27.18 -16.37
N CYS A 344 23.63 26.00 -15.79
CA CYS A 344 22.39 25.28 -15.52
C CYS A 344 22.15 24.98 -14.04
N ASN A 345 20.93 25.27 -13.59
CA ASN A 345 20.49 24.87 -12.26
C ASN A 345 19.46 23.76 -12.39
N ILE A 346 19.43 22.84 -11.43
CA ILE A 346 18.34 21.89 -11.35
C ILE A 346 17.08 22.64 -10.89
N VAL A 347 16.00 22.51 -11.64
CA VAL A 347 14.76 23.22 -11.31
C VAL A 347 14.14 22.67 -10.03
N ALA A 348 13.70 23.58 -9.16
CA ALA A 348 13.11 23.21 -7.88
C ALA A 348 11.79 22.46 -8.05
N GLY A 349 11.49 21.57 -7.11
CA GLY A 349 10.19 20.95 -7.04
C GLY A 349 9.99 19.75 -7.92
N GLN A 350 11.07 19.04 -8.22
CA GLN A 350 10.98 17.78 -8.95
C GLN A 350 11.11 16.61 -7.99
N ARG A 351 10.02 15.85 -7.83
CA ARG A 351 10.06 14.69 -6.95
C ARG A 351 11.00 13.63 -7.52
N CYS A 352 11.74 12.98 -6.63
CA CYS A 352 12.62 11.88 -7.03
C CYS A 352 11.80 10.60 -7.15
N ILE A 353 11.54 10.19 -8.39
CA ILE A 353 10.76 8.99 -8.65
C ILE A 353 11.60 7.73 -8.46
N LYS A 354 12.86 7.80 -8.88
CA LYS A 354 13.75 6.65 -8.82
C LYS A 354 13.88 6.10 -7.40
N LYS A 355 14.13 4.80 -7.31
CA LYS A 355 14.33 4.14 -6.03
C LYS A 355 15.50 4.73 -5.25
N LEU A 356 15.29 4.99 -3.97
CA LEU A 356 16.35 5.52 -3.12
C LEU A 356 17.40 4.45 -2.84
N THR A 357 18.60 4.89 -2.49
CA THR A 357 19.65 3.94 -2.11
C THR A 357 19.38 3.41 -0.72
N ASP A 358 20.17 2.44 -0.29
CA ASP A 358 19.99 1.85 1.04
C ASP A 358 20.25 2.89 2.12
N ASN A 359 21.27 3.71 1.93
CA ASN A 359 21.61 4.75 2.88
C ASN A 359 20.59 5.89 2.89
N GLN A 360 20.11 6.26 1.71
CA GLN A 360 19.09 7.30 1.59
C GLN A 360 17.78 6.86 2.25
N THR A 361 17.42 5.59 2.07
CA THR A 361 16.25 5.02 2.71
C THR A 361 16.37 5.13 4.23
N SER A 362 17.55 4.76 4.73
CA SER A 362 17.82 4.80 6.17
C SER A 362 17.65 6.21 6.72
N THR A 363 18.14 7.20 5.99
CA THR A 363 17.99 8.60 6.36
C THR A 363 16.53 9.02 6.34
N MET A 364 15.81 8.58 5.31
CA MET A 364 14.39 8.90 5.16
C MET A 364 13.56 8.32 6.30
N ILE A 365 13.86 7.07 6.67
CA ILE A 365 13.18 6.42 7.78
C ILE A 365 13.40 7.23 9.06
N ARG A 366 14.63 7.66 9.28
CA ARG A 366 14.98 8.47 10.46
C ARG A 366 14.42 9.89 10.39
N ALA A 367 13.44 10.11 9.54
CA ALA A 367 12.82 11.42 9.39
C ALA A 367 11.30 11.30 9.37
N THR A 368 10.80 10.18 8.85
CA THR A 368 9.36 9.95 8.79
C THR A 368 8.91 9.06 9.94
N ALA A 369 9.86 8.66 10.78
CA ALA A 369 9.56 7.83 11.94
C ALA A 369 9.17 8.67 13.15
N ARG A 370 7.89 8.62 13.49
CA ARG A 370 7.42 9.29 14.69
C ARG A 370 6.47 8.41 15.47
N SER A 371 6.59 8.49 16.79
CA SER A 371 5.65 7.84 17.70
C SER A 371 4.26 8.45 17.50
N ALA A 372 3.22 7.77 17.97
CA ALA A 372 1.86 8.29 17.86
C ALA A 372 1.69 9.69 18.47
N PRO A 373 2.18 9.92 19.71
CA PRO A 373 2.03 11.29 20.24
C PRO A 373 2.77 12.35 19.43
N ASP A 374 3.97 12.00 18.94
CA ASP A 374 4.75 12.93 18.13
C ASP A 374 4.02 13.28 16.83
N ARG A 375 3.45 12.27 16.17
CA ARG A 375 2.69 12.52 14.94
C ARG A 375 1.46 13.36 15.23
N GLN A 376 0.77 13.01 16.31
CA GLN A 376 -0.40 13.76 16.77
C GLN A 376 -0.07 15.24 16.93
N GLU A 377 1.03 15.52 17.62
CA GLU A 377 1.42 16.90 17.89
C GLU A 377 1.76 17.67 16.61
N GLU A 378 2.37 16.97 15.66
CA GLU A 378 2.85 17.56 14.41
C GLU A 378 1.71 17.85 13.45
N ILE A 379 0.67 17.03 13.47
CA ILE A 379 -0.54 17.32 12.71
C ILE A 379 -1.22 18.55 13.30
N SER A 380 -1.30 18.59 14.62
CA SER A 380 -1.93 19.71 15.32
C SER A 380 -1.17 21.02 15.08
N LYS A 381 0.16 20.96 15.16
CA LYS A 381 0.97 22.15 14.94
C LYS A 381 0.89 22.62 13.49
N LEU A 382 0.80 21.67 12.57
CA LEU A 382 0.62 22.00 11.16
C LEU A 382 -0.69 22.74 10.94
N MET A 383 -1.76 22.23 11.55
CA MET A 383 -3.08 22.81 11.38
C MET A 383 -3.18 24.21 11.96
N ARG A 384 -2.61 24.40 13.15
CA ARG A 384 -2.61 25.70 13.79
C ARG A 384 -1.76 26.70 13.02
N SER A 385 -0.76 26.22 12.30
CA SER A 385 0.11 27.10 11.52
C SER A 385 -0.43 27.30 10.11
N ALA A 386 -1.19 26.32 9.62
CA ALA A 386 -1.78 26.41 8.29
C ALA A 386 -2.79 27.55 8.24
N ASP A 387 -3.56 27.67 9.31
CA ASP A 387 -4.58 28.71 9.44
C ASP A 387 -5.48 28.74 8.21
N PHE A 388 -6.16 27.62 7.96
CA PHE A 388 -7.04 27.47 6.80
C PHE A 388 -8.11 28.55 6.74
N ASN A 389 -8.44 29.13 7.89
CA ASN A 389 -9.49 30.14 7.97
C ASN A 389 -9.06 31.53 7.52
N THR A 390 -7.78 31.70 7.22
CA THR A 390 -7.32 33.00 6.70
C THR A 390 -7.04 32.89 5.20
N ASP A 391 -7.21 31.69 4.66
CA ASP A 391 -7.16 31.47 3.22
C ASP A 391 -8.26 32.30 2.56
N PRO A 392 -7.87 33.20 1.65
CA PRO A 392 -8.83 34.12 1.02
C PRO A 392 -9.93 33.39 0.26
N TYR A 393 -9.59 32.27 -0.37
CA TYR A 393 -10.56 31.49 -1.13
C TYR A 393 -11.50 30.70 -0.23
N VAL A 394 -11.02 30.33 0.95
CA VAL A 394 -11.84 29.58 1.90
C VAL A 394 -12.95 30.45 2.47
N ARG A 395 -12.59 31.60 3.03
CA ARG A 395 -13.58 32.49 3.61
C ARG A 395 -14.45 33.14 2.54
N GLU A 396 -13.94 33.19 1.31
CA GLU A 396 -14.72 33.65 0.18
C GLU A 396 -15.97 32.80 0.04
N PHE A 397 -15.83 31.51 0.30
CA PHE A 397 -16.95 30.59 0.25
C PHE A 397 -17.51 30.34 1.64
N GLY A 398 -17.23 31.26 2.57
CA GLY A 398 -17.80 31.22 3.91
C GLY A 398 -17.53 29.95 4.69
N ILE A 399 -16.42 29.28 4.38
CA ILE A 399 -16.08 28.03 5.02
C ILE A 399 -15.21 28.28 6.25
N MET A 400 -15.53 27.61 7.35
CA MET A 400 -14.72 27.68 8.56
C MET A 400 -14.18 26.31 8.93
N VAL A 401 -12.87 26.21 9.15
CA VAL A 401 -12.25 24.95 9.54
C VAL A 401 -11.80 25.00 11.00
N LYS A 402 -12.26 24.03 11.78
CA LYS A 402 -11.87 23.90 13.18
C LYS A 402 -10.39 23.53 13.27
N ASP A 403 -9.69 24.11 14.25
CA ASP A 403 -8.25 23.95 14.33
C ASP A 403 -7.84 22.85 15.32
N GLU A 404 -8.83 22.15 15.86
CA GLU A 404 -8.57 21.04 16.78
C GLU A 404 -9.11 19.73 16.22
N MET A 405 -8.41 18.63 16.54
CA MET A 405 -8.83 17.31 16.12
C MET A 405 -10.23 16.97 16.64
N THR A 406 -11.00 16.26 15.83
CA THR A 406 -12.32 15.80 16.24
C THR A 406 -12.22 14.72 17.31
N ASP A 407 -13.01 14.88 18.37
CA ASP A 407 -13.09 13.86 19.41
C ASP A 407 -14.02 12.74 18.98
N VAL A 408 -13.57 11.50 19.15
CA VAL A 408 -14.37 10.34 18.81
C VAL A 408 -14.34 9.32 19.93
N THR A 409 -15.46 8.64 20.15
CA THR A 409 -15.50 7.55 21.10
C THR A 409 -15.35 6.23 20.37
N GLY A 410 -14.34 5.45 20.76
CA GLY A 410 -14.15 4.12 20.21
C GLY A 410 -14.56 3.06 21.21
N ARG A 411 -14.60 1.81 20.77
CA ARG A 411 -14.78 0.69 21.67
C ARG A 411 -13.62 -0.27 21.51
N VAL A 412 -13.12 -0.80 22.62
CA VAL A 412 -12.05 -1.79 22.53
C VAL A 412 -12.64 -3.18 22.66
N LEU A 413 -12.72 -3.87 21.53
CA LEU A 413 -13.30 -5.21 21.49
C LEU A 413 -12.45 -6.18 22.30
N GLN A 414 -13.12 -7.13 22.92
CA GLN A 414 -12.47 -8.20 23.67
C GLN A 414 -11.89 -9.18 22.66
N PRO A 415 -10.64 -9.63 22.90
CA PRO A 415 -10.03 -10.61 21.99
C PRO A 415 -10.64 -11.99 22.19
N PRO A 416 -10.65 -12.82 21.14
CA PRO A 416 -11.13 -14.19 21.33
C PRO A 416 -10.10 -15.01 22.11
N SER A 417 -10.52 -16.14 22.67
CA SER A 417 -9.56 -17.06 23.25
C SER A 417 -9.03 -17.97 22.14
N ILE A 418 -7.76 -18.34 22.23
CA ILE A 418 -7.14 -19.19 21.22
C ILE A 418 -6.92 -20.59 21.77
N LEU A 419 -7.52 -21.59 21.12
CA LEU A 419 -7.48 -22.97 21.62
C LEU A 419 -6.36 -23.79 20.99
N TYR A 420 -5.50 -24.32 21.83
CA TYR A 420 -4.42 -25.19 21.38
C TYR A 420 -4.75 -26.66 21.60
N GLY A 421 -3.82 -27.54 21.25
CA GLY A 421 -4.09 -28.97 21.31
C GLY A 421 -3.22 -29.70 22.30
N GLY A 422 -2.75 -30.88 21.90
CA GLY A 422 -1.92 -31.70 22.77
C GLY A 422 -2.76 -32.31 23.86
N ARG A 423 -2.11 -32.70 24.95
CA ARG A 423 -2.82 -33.35 26.05
C ARG A 423 -3.52 -32.33 26.95
N ASN A 424 -2.86 -31.21 27.23
CA ASN A 424 -3.43 -30.19 28.11
C ASN A 424 -4.53 -29.39 27.42
N LYS A 425 -4.47 -29.29 26.10
CA LYS A 425 -5.45 -28.53 25.31
C LYS A 425 -5.58 -27.11 25.84
N ALA A 426 -4.45 -26.42 25.94
CA ALA A 426 -4.40 -25.12 26.60
C ALA A 426 -5.19 -24.04 25.84
N ILE A 427 -5.62 -23.03 26.59
CA ILE A 427 -6.26 -21.86 26.04
C ILE A 427 -5.38 -20.65 26.28
N ALA A 428 -5.08 -19.92 25.21
CA ALA A 428 -4.27 -18.72 25.32
C ALA A 428 -5.16 -17.48 25.27
N THR A 429 -4.82 -16.48 26.07
CA THR A 429 -5.59 -15.25 26.09
C THR A 429 -4.74 -14.10 25.60
N PRO A 430 -5.06 -13.55 24.43
CA PRO A 430 -4.34 -12.40 23.90
C PRO A 430 -4.41 -11.23 24.86
N VAL A 431 -3.28 -10.61 25.14
CA VAL A 431 -3.25 -9.39 25.92
C VAL A 431 -2.58 -8.30 25.09
N GLN A 432 -3.32 -7.22 24.86
CA GLN A 432 -2.90 -6.13 23.98
C GLN A 432 -2.38 -6.64 22.64
N GLY A 433 -3.06 -7.65 22.10
CA GLY A 433 -2.83 -8.08 20.74
C GLY A 433 -1.77 -9.15 20.56
N VAL A 434 -1.29 -9.71 21.67
CA VAL A 434 -0.18 -10.64 21.66
C VAL A 434 -0.37 -11.81 22.64
N TRP A 435 -0.04 -13.02 22.20
CA TRP A 435 0.08 -14.16 23.11
C TRP A 435 1.33 -14.95 22.74
N ASP A 436 1.49 -16.14 23.31
CA ASP A 436 2.65 -16.96 22.98
C ASP A 436 2.36 -18.45 23.17
N MET A 437 3.31 -19.29 22.78
CA MET A 437 3.07 -20.73 22.67
C MET A 437 3.76 -21.57 23.74
N ARG A 438 4.39 -20.91 24.70
CA ARG A 438 5.03 -21.60 25.82
C ARG A 438 3.98 -22.44 26.57
N ASN A 439 4.38 -23.68 26.89
CA ASN A 439 3.51 -24.67 27.54
C ASN A 439 2.30 -25.07 26.69
N LYS A 440 2.41 -24.92 25.38
CA LYS A 440 1.29 -25.24 24.49
C LYS A 440 1.72 -26.07 23.29
N GLN A 441 0.80 -26.91 22.81
CA GLN A 441 1.04 -27.70 21.61
C GLN A 441 0.02 -27.35 20.53
N PHE A 442 0.38 -27.57 19.28
CA PHE A 442 -0.51 -27.30 18.15
C PHE A 442 -1.83 -28.06 18.30
N HIS A 443 -2.92 -27.46 17.79
CA HIS A 443 -4.21 -28.13 17.75
C HIS A 443 -4.09 -29.48 17.04
N THR A 444 -3.51 -29.45 15.84
CA THR A 444 -3.13 -30.67 15.14
C THR A 444 -1.68 -30.57 14.69
N GLY A 445 -0.79 -31.23 15.43
CA GLY A 445 0.62 -31.21 15.11
C GLY A 445 1.00 -32.31 14.13
N ILE A 446 1.98 -32.03 13.28
CA ILE A 446 2.38 -32.99 12.26
C ILE A 446 3.59 -33.79 12.74
N GLU A 447 3.54 -35.10 12.54
CA GLU A 447 4.66 -35.96 12.84
C GLU A 447 5.62 -35.98 11.65
N ILE A 448 6.84 -35.48 11.85
CA ILE A 448 7.80 -35.39 10.77
C ILE A 448 8.79 -36.56 10.82
N LYS A 449 8.59 -37.51 9.91
CA LYS A 449 9.42 -38.72 9.87
C LYS A 449 10.55 -38.62 8.85
N VAL A 450 10.24 -38.17 7.65
CA VAL A 450 11.20 -38.12 6.56
C VAL A 450 11.44 -36.69 6.06
N TRP A 451 12.63 -36.16 6.33
CA TRP A 451 12.95 -34.80 5.91
C TRP A 451 14.42 -34.68 5.52
N ALA A 452 14.74 -33.61 4.80
CA ALA A 452 16.10 -33.41 4.30
C ALA A 452 16.58 -31.99 4.53
N ILE A 453 17.89 -31.81 4.51
CA ILE A 453 18.50 -30.49 4.57
C ILE A 453 19.37 -30.26 3.34
N ALA A 454 19.15 -29.13 2.68
CA ALA A 454 20.02 -28.70 1.59
C ALA A 454 20.64 -27.37 1.98
N CYS A 455 21.95 -27.37 2.21
CA CYS A 455 22.64 -26.17 2.62
C CYS A 455 23.39 -25.53 1.46
N PHE A 456 22.89 -24.38 1.01
CA PHE A 456 23.51 -23.64 -0.08
C PHE A 456 24.46 -22.59 0.45
N ALA A 457 24.56 -22.51 1.76
CA ALA A 457 25.53 -21.63 2.41
C ALA A 457 26.91 -22.30 2.38
N PRO A 458 27.98 -21.51 2.31
CA PRO A 458 29.33 -22.09 2.22
C PRO A 458 29.72 -22.86 3.48
N GLN A 459 30.35 -24.03 3.29
CA GLN A 459 30.81 -24.91 4.37
C GLN A 459 31.60 -24.17 5.46
N ARG A 460 32.49 -23.29 5.03
CA ARG A 460 33.36 -22.56 5.94
C ARG A 460 32.58 -21.72 6.94
N GLN A 461 31.45 -21.19 6.50
CA GLN A 461 30.65 -20.28 7.31
C GLN A 461 29.51 -21.01 8.02
N CYS A 462 28.96 -22.03 7.37
CA CYS A 462 27.87 -22.80 7.95
C CYS A 462 28.28 -24.27 8.04
N THR A 463 28.98 -24.60 9.12
CA THR A 463 29.62 -25.91 9.28
C THR A 463 28.64 -27.03 9.61
N GLU A 464 29.14 -28.27 9.57
CA GLU A 464 28.34 -29.43 9.94
C GLU A 464 27.93 -29.37 11.41
N VAL A 465 28.78 -28.74 12.22
CA VAL A 465 28.48 -28.55 13.63
C VAL A 465 27.31 -27.57 13.79
N HIS A 466 27.34 -26.49 13.02
CA HIS A 466 26.24 -25.54 13.00
C HIS A 466 24.93 -26.23 12.66
N LEU A 467 24.94 -27.02 11.59
CA LEU A 467 23.75 -27.72 11.12
C LEU A 467 23.24 -28.71 12.16
N LYS A 468 24.17 -29.46 12.78
CA LYS A 468 23.83 -30.40 13.84
C LYS A 468 23.22 -29.70 15.04
N SER A 469 23.81 -28.58 15.44
CA SER A 469 23.32 -27.84 16.60
C SER A 469 21.96 -27.21 16.31
N PHE A 470 21.82 -26.66 15.10
CA PHE A 470 20.54 -26.13 14.66
C PHE A 470 19.48 -27.23 14.69
N THR A 471 19.85 -28.40 14.18
CA THR A 471 18.94 -29.54 14.11
C THR A 471 18.44 -29.99 15.49
N GLU A 472 19.35 -30.12 16.44
CA GLU A 472 18.95 -30.56 17.77
C GLU A 472 18.09 -29.50 18.46
N GLN A 473 18.43 -28.22 18.31
CA GLN A 473 17.64 -27.13 18.89
C GLN A 473 16.24 -27.08 18.29
N LEU A 474 16.12 -27.32 16.99
CA LEU A 474 14.83 -27.29 16.31
C LEU A 474 13.95 -28.47 16.73
N ARG A 475 14.57 -29.64 16.91
CA ARG A 475 13.83 -30.83 17.33
C ARG A 475 13.29 -30.67 18.75
N LYS A 476 14.03 -29.94 19.58
CA LYS A 476 13.61 -29.67 20.95
C LYS A 476 12.36 -28.76 20.95
N ILE A 477 12.49 -27.60 20.33
CA ILE A 477 11.39 -26.66 20.19
C ILE A 477 10.17 -27.32 19.54
N SER A 478 10.40 -28.11 18.51
CA SER A 478 9.29 -28.73 17.76
C SER A 478 8.57 -29.79 18.59
N ARG A 479 9.31 -30.50 19.45
CA ARG A 479 8.68 -31.45 20.36
C ARG A 479 7.81 -30.74 21.39
N ASP A 480 8.32 -29.64 21.93
CA ASP A 480 7.55 -28.83 22.87
C ASP A 480 6.26 -28.31 22.22
N ALA A 481 6.31 -28.10 20.91
CA ALA A 481 5.18 -27.54 20.18
C ALA A 481 4.16 -28.60 19.77
N GLY A 482 4.50 -29.88 19.94
CA GLY A 482 3.63 -30.95 19.51
C GLY A 482 3.79 -31.28 18.04
N MET A 483 4.94 -30.90 17.48
CA MET A 483 5.28 -31.25 16.10
C MET A 483 6.61 -32.01 16.12
N PRO A 484 6.57 -33.27 16.56
CA PRO A 484 7.82 -34.00 16.81
C PRO A 484 8.58 -34.33 15.54
N ILE A 485 9.82 -33.87 15.47
CA ILE A 485 10.73 -34.29 14.41
C ILE A 485 11.44 -35.54 14.91
N GLN A 486 11.03 -36.69 14.39
CA GLN A 486 11.34 -37.98 15.00
C GLN A 486 12.80 -38.43 14.90
N GLY A 487 13.59 -37.78 14.05
CA GLY A 487 14.99 -38.15 13.94
C GLY A 487 15.82 -37.20 13.11
N GLN A 488 17.03 -37.63 12.80
CA GLN A 488 17.93 -36.87 11.95
C GLN A 488 17.39 -36.87 10.52
N PRO A 489 17.80 -35.89 9.70
CA PRO A 489 17.34 -35.89 8.31
C PRO A 489 17.89 -37.08 7.55
N CYS A 490 17.13 -37.58 6.56
CA CYS A 490 17.54 -38.71 5.76
C CYS A 490 18.57 -38.29 4.72
N PHE A 491 18.78 -36.98 4.60
CA PHE A 491 19.65 -36.41 3.59
C PHE A 491 20.12 -35.05 4.08
N CYS A 492 21.43 -34.81 3.96
CA CYS A 492 22.01 -33.54 4.35
C CYS A 492 23.28 -33.30 3.57
N LYS A 493 23.21 -32.41 2.59
CA LYS A 493 24.33 -32.15 1.69
C LYS A 493 24.51 -30.66 1.43
N TYR A 494 25.74 -30.25 1.15
CA TYR A 494 26.01 -28.89 0.69
C TYR A 494 25.84 -28.82 -0.82
N ALA A 495 25.53 -27.61 -1.31
CA ALA A 495 25.43 -27.37 -2.74
C ALA A 495 25.70 -25.90 -3.01
N GLN A 496 25.90 -25.55 -4.27
CA GLN A 496 26.19 -24.18 -4.64
C GLN A 496 25.52 -23.80 -5.95
N GLY A 497 24.87 -22.63 -5.96
CA GLY A 497 24.29 -22.09 -7.18
C GLY A 497 22.93 -22.63 -7.54
N ALA A 498 22.17 -21.86 -8.32
CA ALA A 498 20.81 -22.22 -8.70
C ALA A 498 20.75 -23.51 -9.51
N ASP A 499 21.81 -23.80 -10.25
CA ASP A 499 21.85 -24.97 -11.12
C ASP A 499 21.73 -26.30 -10.36
N SER A 500 22.16 -26.33 -9.11
CA SER A 500 22.14 -27.59 -8.36
C SER A 500 20.76 -27.90 -7.77
N VAL A 501 19.90 -26.87 -7.69
CA VAL A 501 18.59 -27.02 -7.06
C VAL A 501 17.73 -28.10 -7.70
N GLU A 502 17.50 -27.97 -9.01
CA GLU A 502 16.60 -28.86 -9.74
C GLU A 502 17.02 -30.32 -9.71
N PRO A 503 18.30 -30.64 -9.97
CA PRO A 503 18.65 -32.06 -9.90
C PRO A 503 18.64 -32.60 -8.47
N MET A 504 19.01 -31.78 -7.49
CA MET A 504 19.02 -32.21 -6.11
C MET A 504 17.61 -32.58 -5.65
N PHE A 505 16.63 -31.75 -6.01
CA PHE A 505 15.27 -31.96 -5.55
C PHE A 505 14.62 -33.17 -6.25
N ARG A 506 14.94 -33.37 -7.52
CA ARG A 506 14.47 -34.56 -8.24
C ARG A 506 15.01 -35.81 -7.58
N HIS A 507 16.30 -35.80 -7.25
CA HIS A 507 16.93 -36.92 -6.57
C HIS A 507 16.23 -37.20 -5.26
N LEU A 508 15.95 -36.15 -4.48
CA LEU A 508 15.27 -36.31 -3.21
C LEU A 508 13.91 -36.97 -3.41
N LYS A 509 13.16 -36.50 -4.39
CA LYS A 509 11.82 -36.99 -4.62
C LYS A 509 11.84 -38.46 -5.06
N ASN A 510 12.78 -38.80 -5.93
CA ASN A 510 12.87 -40.15 -6.47
C ASN A 510 13.41 -41.16 -5.48
N THR A 511 14.20 -40.68 -4.52
CA THR A 511 14.91 -41.58 -3.62
C THR A 511 14.14 -41.87 -2.33
N TYR A 512 13.69 -40.81 -1.66
CA TYR A 512 13.15 -40.95 -0.31
C TYR A 512 11.62 -40.96 -0.29
N ALA A 513 11.06 -42.15 -0.13
CA ALA A 513 9.61 -42.32 -0.07
C ALA A 513 9.03 -41.66 1.16
N GLY A 514 7.90 -40.97 0.97
CA GLY A 514 7.22 -40.32 2.08
C GLY A 514 7.92 -39.07 2.58
N LEU A 515 8.79 -38.51 1.74
CA LEU A 515 9.47 -37.26 2.06
C LEU A 515 8.45 -36.16 2.32
N GLN A 516 8.63 -35.43 3.43
CA GLN A 516 7.64 -34.44 3.85
C GLN A 516 8.14 -33.01 3.71
N LEU A 517 9.44 -32.81 3.82
CA LEU A 517 9.99 -31.47 3.89
C LEU A 517 11.45 -31.39 3.48
N VAL A 518 11.80 -30.32 2.79
CA VAL A 518 13.20 -29.98 2.58
C VAL A 518 13.50 -28.65 3.25
N VAL A 519 14.44 -28.65 4.19
CA VAL A 519 14.90 -27.43 4.83
C VAL A 519 16.09 -26.91 4.05
N VAL A 520 16.02 -25.65 3.63
CA VAL A 520 17.03 -25.09 2.74
C VAL A 520 17.74 -23.94 3.41
N ILE A 521 19.04 -24.08 3.59
CA ILE A 521 19.85 -23.05 4.24
C ILE A 521 20.43 -22.12 3.19
N LEU A 522 20.16 -20.82 3.33
CA LEU A 522 20.63 -19.84 2.37
C LEU A 522 21.59 -18.85 3.02
N PRO A 523 22.66 -18.48 2.31
CA PRO A 523 23.70 -17.61 2.88
C PRO A 523 23.20 -16.17 3.09
N GLY A 524 22.02 -15.87 2.57
CA GLY A 524 21.46 -14.53 2.63
C GLY A 524 20.68 -14.29 1.36
N LYS A 525 20.65 -13.05 0.89
CA LYS A 525 19.94 -12.72 -0.34
C LYS A 525 20.59 -13.39 -1.55
N THR A 526 19.84 -14.25 -2.22
CA THR A 526 20.38 -15.02 -3.34
C THR A 526 19.27 -15.45 -4.31
N PRO A 527 19.61 -15.54 -5.61
CA PRO A 527 18.65 -16.05 -6.60
C PRO A 527 18.25 -17.51 -6.34
N VAL A 528 19.02 -18.21 -5.52
CA VAL A 528 18.70 -19.59 -5.17
C VAL A 528 17.31 -19.71 -4.54
N TYR A 529 16.92 -18.70 -3.76
CA TYR A 529 15.60 -18.72 -3.14
C TYR A 529 14.49 -18.83 -4.17
N ALA A 530 14.48 -17.92 -5.15
CA ALA A 530 13.47 -17.96 -6.20
C ALA A 530 13.49 -19.29 -6.93
N GLU A 531 14.68 -19.86 -7.11
CA GLU A 531 14.80 -21.13 -7.81
C GLU A 531 14.22 -22.27 -6.99
N VAL A 532 14.48 -22.26 -5.68
CA VAL A 532 13.92 -23.25 -4.78
C VAL A 532 12.39 -23.24 -4.83
N LYS A 533 11.80 -22.04 -4.81
CA LYS A 533 10.34 -21.94 -4.86
C LYS A 533 9.79 -22.31 -6.24
N ARG A 534 10.53 -21.98 -7.31
CA ARG A 534 10.11 -22.41 -8.65
C ARG A 534 10.00 -23.93 -8.70
N VAL A 535 11.05 -24.61 -8.28
CA VAL A 535 11.12 -26.06 -8.37
C VAL A 535 10.17 -26.69 -7.37
N GLY A 536 10.23 -26.21 -6.12
CA GLY A 536 9.39 -26.73 -5.08
C GLY A 536 7.90 -26.52 -5.30
N ASP A 537 7.51 -25.28 -5.61
CA ASP A 537 6.09 -24.94 -5.72
C ASP A 537 5.45 -25.36 -7.05
N THR A 538 6.19 -25.22 -8.15
CA THR A 538 5.58 -25.34 -9.48
C THR A 538 6.08 -26.50 -10.34
N VAL A 539 7.30 -26.97 -10.10
CA VAL A 539 7.86 -28.04 -10.93
C VAL A 539 7.67 -29.44 -10.33
N LEU A 540 8.06 -29.59 -9.06
CA LEU A 540 8.04 -30.91 -8.42
C LEU A 540 6.96 -31.07 -7.35
N GLY A 541 6.41 -29.96 -6.87
CA GLY A 541 5.40 -30.00 -5.83
C GLY A 541 5.95 -30.56 -4.53
N MET A 542 7.02 -29.93 -4.03
CA MET A 542 7.62 -30.37 -2.79
C MET A 542 7.64 -29.25 -1.76
N ALA A 543 7.37 -29.60 -0.51
CA ALA A 543 7.38 -28.62 0.58
C ALA A 543 8.80 -28.20 0.91
N THR A 544 9.03 -26.90 0.93
CA THR A 544 10.33 -26.38 1.31
C THR A 544 10.20 -25.34 2.41
N GLN A 545 11.20 -25.30 3.29
CA GLN A 545 11.31 -24.25 4.28
C GLN A 545 12.71 -23.69 4.28
N CYS A 546 12.85 -22.45 3.83
CA CYS A 546 14.16 -21.82 3.75
C CYS A 546 14.50 -21.10 5.05
N VAL A 547 15.79 -21.07 5.39
CA VAL A 547 16.26 -20.39 6.60
C VAL A 547 17.57 -19.67 6.26
N GLN A 548 17.70 -18.44 6.72
CA GLN A 548 18.97 -17.73 6.55
C GLN A 548 20.05 -18.36 7.40
N MET A 549 21.26 -18.38 6.87
CA MET A 549 22.43 -18.95 7.54
C MET A 549 22.61 -18.39 8.96
N LYS A 550 22.45 -17.08 9.11
CA LYS A 550 22.70 -16.45 10.41
C LYS A 550 21.74 -16.98 11.47
N ASN A 551 20.56 -17.44 11.05
CA ASN A 551 19.59 -17.99 11.98
C ASN A 551 19.81 -19.48 12.21
N VAL A 552 20.75 -20.05 11.48
CA VAL A 552 21.18 -21.41 11.74
C VAL A 552 22.38 -21.37 12.67
N GLN A 553 23.29 -20.44 12.39
CA GLN A 553 24.49 -20.23 13.20
C GLN A 553 24.14 -19.86 14.63
N ARG A 554 23.13 -19.01 14.80
CA ARG A 554 22.67 -18.62 16.13
C ARG A 554 21.16 -18.76 16.24
N THR A 555 20.72 -19.78 16.97
CA THR A 555 19.29 -20.01 17.16
C THR A 555 18.78 -19.34 18.43
N THR A 556 17.49 -19.02 18.44
CA THR A 556 16.81 -18.54 19.62
C THR A 556 15.47 -19.26 19.72
N PRO A 557 14.94 -19.45 20.94
CA PRO A 557 13.64 -20.10 21.09
C PRO A 557 12.53 -19.40 20.31
N GLN A 558 12.55 -18.07 20.27
CA GLN A 558 11.49 -17.31 19.61
C GLN A 558 11.49 -17.52 18.09
N THR A 559 12.67 -17.43 17.48
CA THR A 559 12.81 -17.62 16.04
C THR A 559 12.51 -19.06 15.61
N LEU A 560 13.06 -20.02 16.33
CA LEU A 560 12.79 -21.43 16.04
C LEU A 560 11.32 -21.76 16.19
N SER A 561 10.70 -21.20 17.23
CA SER A 561 9.27 -21.40 17.49
C SER A 561 8.43 -20.85 16.34
N ASN A 562 8.73 -19.62 15.92
CA ASN A 562 8.06 -19.03 14.77
C ASN A 562 8.28 -19.86 13.51
N LEU A 563 9.48 -20.45 13.38
CA LEU A 563 9.78 -21.31 12.25
C LEU A 563 8.88 -22.55 12.24
N CYS A 564 8.61 -23.09 13.42
CA CYS A 564 7.77 -24.29 13.53
C CYS A 564 6.32 -24.00 13.19
N LEU A 565 5.90 -22.75 13.39
CA LEU A 565 4.56 -22.33 13.02
C LEU A 565 4.34 -22.54 11.53
N LYS A 566 5.33 -22.11 10.73
CA LYS A 566 5.25 -22.21 9.28
C LYS A 566 5.37 -23.66 8.82
N ILE A 567 6.26 -24.42 9.44
CA ILE A 567 6.52 -25.80 9.04
C ILE A 567 5.30 -26.69 9.28
N ASN A 568 4.68 -26.56 10.45
CA ASN A 568 3.47 -27.33 10.76
C ASN A 568 2.37 -27.03 9.76
N VAL A 569 2.20 -25.75 9.44
CA VAL A 569 1.19 -25.32 8.48
C VAL A 569 1.48 -25.87 7.08
N LYS A 570 2.71 -25.71 6.62
CA LYS A 570 3.12 -26.21 5.31
C LYS A 570 2.90 -27.72 5.16
N LEU A 571 2.95 -28.45 6.27
CA LEU A 571 2.78 -29.90 6.23
C LEU A 571 1.35 -30.33 6.49
N GLY A 572 0.43 -29.36 6.55
CA GLY A 572 -0.98 -29.64 6.67
C GLY A 572 -1.53 -29.59 8.10
N GLY A 573 -0.73 -29.13 9.04
CA GLY A 573 -1.16 -29.09 10.43
C GLY A 573 -2.07 -27.92 10.77
N VAL A 574 -2.69 -27.99 11.96
CA VAL A 574 -3.49 -26.89 12.49
C VAL A 574 -2.82 -26.34 13.74
N ASN A 575 -2.31 -25.12 13.67
CA ASN A 575 -1.54 -24.57 14.78
C ASN A 575 -2.43 -24.31 15.99
N ASN A 576 -3.55 -23.64 15.76
CA ASN A 576 -4.55 -23.37 16.78
C ASN A 576 -5.88 -23.03 16.13
N ILE A 577 -6.93 -22.91 16.94
CA ILE A 577 -8.24 -22.51 16.43
C ILE A 577 -8.88 -21.50 17.37
N LEU A 578 -9.81 -20.71 16.82
CA LEU A 578 -10.64 -19.87 17.67
C LEU A 578 -11.42 -20.76 18.61
N LEU A 579 -11.50 -20.39 19.88
CA LEU A 579 -12.36 -21.10 20.83
C LEU A 579 -13.75 -21.19 20.23
N PRO A 580 -14.18 -22.41 19.89
CA PRO A 580 -15.41 -22.65 19.11
C PRO A 580 -16.63 -21.94 19.68
N GLN A 581 -16.84 -22.06 20.99
CA GLN A 581 -18.02 -21.48 21.63
C GLN A 581 -17.94 -19.95 21.71
N GLY A 582 -16.75 -19.39 21.47
CA GLY A 582 -16.55 -17.95 21.52
C GLY A 582 -16.77 -17.26 20.19
N ARG A 583 -17.10 -18.04 19.16
CA ARG A 583 -17.28 -17.50 17.81
C ARG A 583 -18.67 -16.90 17.58
N PRO A 584 -18.76 -15.89 16.68
CA PRO A 584 -20.05 -15.28 16.33
C PRO A 584 -21.01 -16.29 15.67
N PRO A 585 -22.32 -16.00 15.72
CA PRO A 585 -23.37 -16.92 15.26
C PRO A 585 -23.26 -17.36 13.80
N VAL A 586 -22.54 -16.62 12.97
CA VAL A 586 -22.40 -16.97 11.56
C VAL A 586 -21.81 -18.37 11.38
N PHE A 587 -21.03 -18.83 12.36
CA PHE A 587 -20.37 -20.13 12.30
C PHE A 587 -21.33 -21.31 12.55
N GLN A 588 -22.59 -21.02 12.86
CA GLN A 588 -23.57 -22.08 13.06
C GLN A 588 -23.86 -22.85 11.78
N GLN A 589 -23.70 -22.17 10.65
CA GLN A 589 -23.90 -22.76 9.34
C GLN A 589 -22.61 -22.72 8.52
N PRO A 590 -22.46 -23.66 7.57
CA PRO A 590 -21.30 -23.67 6.67
C PRO A 590 -21.05 -22.31 6.02
N VAL A 591 -19.82 -21.82 6.18
CA VAL A 591 -19.46 -20.50 5.68
C VAL A 591 -18.02 -20.54 5.18
N ILE A 592 -17.77 -19.95 4.01
CA ILE A 592 -16.41 -19.85 3.51
C ILE A 592 -15.94 -18.41 3.59
N PHE A 593 -14.69 -18.24 4.01
CA PHE A 593 -14.09 -16.91 4.07
C PHE A 593 -13.09 -16.74 2.95
N LEU A 594 -13.31 -15.70 2.13
CA LEU A 594 -12.43 -15.41 1.00
C LEU A 594 -11.62 -14.16 1.28
N GLY A 595 -10.37 -14.21 0.85
CA GLY A 595 -9.51 -13.04 0.87
C GLY A 595 -9.00 -12.82 -0.55
N ALA A 596 -9.02 -11.57 -0.99
CA ALA A 596 -8.62 -11.25 -2.34
C ALA A 596 -7.77 -10.00 -2.36
N ASP A 597 -6.74 -10.02 -3.19
CA ASP A 597 -5.89 -8.85 -3.40
C ASP A 597 -5.32 -8.86 -4.81
N VAL A 598 -5.04 -7.66 -5.32
CA VAL A 598 -4.28 -7.51 -6.54
C VAL A 598 -3.02 -6.73 -6.18
N THR A 599 -1.88 -7.14 -6.72
CA THR A 599 -0.65 -6.39 -6.48
C THR A 599 -0.10 -5.87 -7.81
N HIS A 600 0.23 -4.59 -7.82
CA HIS A 600 0.63 -3.91 -9.04
C HIS A 600 2.14 -3.67 -9.08
N PRO A 601 2.70 -3.57 -10.30
CA PRO A 601 4.15 -3.37 -10.48
C PRO A 601 4.61 -2.03 -9.89
N PRO A 602 5.90 -1.94 -9.54
CA PRO A 602 6.45 -0.72 -8.92
C PRO A 602 6.28 0.53 -9.79
N ALA A 603 6.47 1.71 -9.18
CA ALA A 603 6.40 2.97 -9.91
C ALA A 603 7.38 2.98 -11.07
N GLY A 604 6.94 3.52 -12.21
CA GLY A 604 7.81 3.64 -13.38
C GLY A 604 7.78 2.43 -14.28
N ASP A 605 7.31 1.30 -13.76
CA ASP A 605 7.22 0.07 -14.55
C ASP A 605 6.18 0.22 -15.66
N GLY A 606 6.44 -0.44 -16.79
CA GLY A 606 5.59 -0.26 -17.95
C GLY A 606 4.81 -1.47 -18.43
N LYS A 607 5.36 -2.67 -18.27
CA LYS A 607 4.76 -3.84 -18.91
C LYS A 607 4.58 -5.05 -18.01
N LYS A 608 5.03 -4.96 -16.76
CA LYS A 608 4.86 -6.06 -15.84
C LYS A 608 3.36 -6.28 -15.58
N PRO A 609 2.95 -7.54 -15.42
CA PRO A 609 1.54 -7.79 -15.14
C PRO A 609 1.16 -7.40 -13.72
N SER A 610 -0.13 -7.22 -13.47
CA SER A 610 -0.62 -7.19 -12.10
C SER A 610 -0.96 -8.62 -11.70
N ILE A 611 -0.93 -8.90 -10.41
CA ILE A 611 -1.16 -10.25 -9.93
C ILE A 611 -2.38 -10.30 -9.02
N ALA A 612 -3.33 -11.17 -9.37
CA ALA A 612 -4.55 -11.34 -8.58
C ALA A 612 -4.49 -12.65 -7.78
N ALA A 613 -4.75 -12.54 -6.48
CA ALA A 613 -4.74 -13.71 -5.60
C ALA A 613 -6.03 -13.80 -4.80
N VAL A 614 -6.60 -14.99 -4.75
CA VAL A 614 -7.78 -15.25 -3.93
C VAL A 614 -7.60 -16.52 -3.13
N VAL A 615 -7.82 -16.43 -1.82
CA VAL A 615 -7.72 -17.61 -0.96
C VAL A 615 -9.08 -17.88 -0.31
N GLY A 616 -9.31 -19.13 0.08
CA GLY A 616 -10.56 -19.51 0.73
C GLY A 616 -10.37 -20.50 1.86
N SER A 617 -11.12 -20.31 2.94
CA SER A 617 -11.06 -21.21 4.09
C SER A 617 -11.53 -22.61 3.71
N MET A 618 -10.96 -23.63 4.36
CA MET A 618 -11.26 -25.01 3.98
C MET A 618 -11.73 -25.84 5.18
N ASP A 619 -12.06 -25.16 6.27
CA ASP A 619 -12.62 -25.81 7.45
C ASP A 619 -13.47 -24.83 8.24
N ALA A 620 -14.04 -25.30 9.35
CA ALA A 620 -14.98 -24.51 10.13
C ALA A 620 -14.34 -23.73 11.26
N HIS A 621 -13.01 -23.82 11.38
CA HIS A 621 -12.33 -23.24 12.54
C HIS A 621 -12.39 -21.70 12.62
N PRO A 622 -12.01 -20.97 11.55
CA PRO A 622 -11.40 -21.33 10.26
C PRO A 622 -9.89 -21.22 10.34
N ASN A 623 -9.18 -22.17 9.74
CA ASN A 623 -7.73 -22.19 9.86
C ASN A 623 -7.02 -22.49 8.55
N ARG A 624 -7.41 -23.59 7.91
CA ARG A 624 -6.77 -24.03 6.68
C ARG A 624 -7.32 -23.27 5.48
N TYR A 625 -6.43 -22.85 4.59
CA TYR A 625 -6.81 -22.11 3.39
C TYR A 625 -6.17 -22.71 2.13
N CYS A 626 -6.88 -22.61 1.01
CA CYS A 626 -6.31 -22.93 -0.30
C CYS A 626 -6.18 -21.65 -1.11
N ALA A 627 -5.29 -21.66 -2.09
CA ALA A 627 -4.97 -20.45 -2.84
C ALA A 627 -5.23 -20.57 -4.33
N THR A 628 -5.61 -19.46 -4.95
CA THR A 628 -5.65 -19.33 -6.39
C THR A 628 -4.93 -18.04 -6.77
N VAL A 629 -4.31 -18.02 -7.94
CA VAL A 629 -3.54 -16.86 -8.36
C VAL A 629 -3.58 -16.71 -9.88
N ARG A 630 -3.52 -15.49 -10.37
CA ARG A 630 -3.60 -15.20 -11.81
C ARG A 630 -2.72 -14.02 -12.16
N VAL A 631 -2.11 -14.04 -13.35
CA VAL A 631 -1.54 -12.82 -13.90
C VAL A 631 -2.65 -12.13 -14.68
N GLN A 632 -2.64 -10.80 -14.70
CA GLN A 632 -3.62 -10.07 -15.49
C GLN A 632 -3.06 -8.74 -15.93
N GLN A 633 -3.88 -7.98 -16.66
CA GLN A 633 -3.47 -6.73 -17.30
C GLN A 633 -2.74 -5.77 -16.36
N HIS A 634 -1.72 -5.10 -16.93
CA HIS A 634 -0.95 -4.09 -16.25
C HIS A 634 -1.79 -3.05 -15.50
N ARG A 635 -1.63 -3.00 -14.18
CA ARG A 635 -2.30 -2.02 -13.32
C ARG A 635 -3.83 -2.05 -13.40
N GLN A 636 -4.39 -3.22 -13.66
CA GLN A 636 -5.84 -3.40 -13.55
C GLN A 636 -6.20 -3.92 -12.16
N GLU A 637 -7.06 -3.20 -11.45
CA GLU A 637 -7.44 -3.58 -10.08
C GLU A 637 -8.50 -4.67 -10.06
N ILE A 638 -9.47 -4.57 -10.98
CA ILE A 638 -10.52 -5.59 -11.10
C ILE A 638 -9.94 -6.98 -11.37
N ILE A 639 -10.32 -7.96 -10.55
CA ILE A 639 -9.86 -9.33 -10.72
C ILE A 639 -10.58 -9.99 -11.88
N GLN A 640 -9.88 -10.14 -12.99
CA GLN A 640 -10.49 -10.53 -14.27
C GLN A 640 -11.08 -11.94 -14.24
N ASP A 641 -10.38 -12.88 -13.62
CA ASP A 641 -10.76 -14.28 -13.69
C ASP A 641 -11.38 -14.78 -12.37
N LEU A 642 -11.98 -13.87 -11.62
CA LEU A 642 -12.47 -14.16 -10.27
C LEU A 642 -13.48 -15.32 -10.24
N ALA A 643 -14.39 -15.35 -11.21
CA ALA A 643 -15.42 -16.38 -11.26
C ALA A 643 -14.81 -17.77 -11.26
N ALA A 644 -13.76 -17.96 -12.07
CA ALA A 644 -13.06 -19.24 -12.12
C ALA A 644 -12.34 -19.51 -10.81
N MET A 645 -11.72 -18.49 -10.25
CA MET A 645 -10.97 -18.65 -9.00
C MET A 645 -11.88 -19.06 -7.86
N VAL A 646 -13.01 -18.37 -7.72
CA VAL A 646 -13.96 -18.68 -6.65
C VAL A 646 -14.56 -20.07 -6.83
N ARG A 647 -14.85 -20.43 -8.08
CA ARG A 647 -15.36 -21.75 -8.41
C ARG A 647 -14.43 -22.85 -7.90
N GLU A 648 -13.14 -22.70 -8.18
CA GLU A 648 -12.13 -23.64 -7.70
C GLU A 648 -12.16 -23.73 -6.17
N LEU A 649 -12.24 -22.58 -5.53
CA LEU A 649 -12.25 -22.54 -4.07
C LEU A 649 -13.50 -23.21 -3.49
N LEU A 650 -14.65 -22.97 -4.12
CA LEU A 650 -15.90 -23.58 -3.65
C LEU A 650 -15.84 -25.11 -3.79
N ILE A 651 -15.33 -25.57 -4.93
CA ILE A 651 -15.17 -27.01 -5.15
C ILE A 651 -14.22 -27.62 -4.12
N GLN A 652 -13.11 -26.95 -3.85
CA GLN A 652 -12.15 -27.45 -2.88
C GLN A 652 -12.73 -27.43 -1.46
N PHE A 653 -13.57 -26.45 -1.17
CA PHE A 653 -14.24 -26.37 0.13
C PHE A 653 -15.14 -27.58 0.33
N TYR A 654 -15.90 -27.93 -0.69
CA TYR A 654 -16.80 -29.08 -0.62
C TYR A 654 -16.03 -30.39 -0.44
N LYS A 655 -14.88 -30.52 -1.10
CA LYS A 655 -14.08 -31.73 -0.96
C LYS A 655 -13.48 -31.86 0.44
N SER A 656 -13.20 -30.73 1.09
CA SER A 656 -12.58 -30.75 2.40
C SER A 656 -13.58 -30.94 3.54
N THR A 657 -14.78 -30.38 3.38
CA THR A 657 -15.76 -30.35 4.47
C THR A 657 -17.02 -31.17 4.18
N ARG A 658 -17.23 -31.50 2.91
CA ARG A 658 -18.47 -32.14 2.45
C ARG A 658 -19.71 -31.30 2.75
N PHE A 659 -19.51 -29.99 2.87
CA PHE A 659 -20.61 -29.03 2.95
C PHE A 659 -20.54 -28.03 1.81
N LYS A 660 -21.68 -27.53 1.39
CA LYS A 660 -21.75 -26.36 0.52
C LYS A 660 -21.97 -25.13 1.39
N PRO A 661 -21.14 -24.08 1.20
CA PRO A 661 -21.28 -22.86 1.99
C PRO A 661 -22.66 -22.22 1.82
N THR A 662 -23.30 -21.87 2.93
CA THR A 662 -24.57 -21.15 2.85
C THR A 662 -24.28 -19.66 2.77
N ARG A 663 -23.05 -19.29 3.12
CA ARG A 663 -22.63 -17.89 3.11
C ARG A 663 -21.20 -17.74 2.60
N ILE A 664 -20.97 -16.67 1.86
CA ILE A 664 -19.64 -16.34 1.39
C ILE A 664 -19.25 -14.96 1.93
N ILE A 665 -18.17 -14.91 2.70
CA ILE A 665 -17.66 -13.65 3.24
C ILE A 665 -16.39 -13.28 2.49
N PHE A 666 -16.46 -12.18 1.75
CA PHE A 666 -15.43 -11.80 0.80
C PHE A 666 -14.69 -10.55 1.24
N TYR A 667 -13.47 -10.72 1.76
CA TYR A 667 -12.66 -9.58 2.16
C TYR A 667 -11.76 -9.16 1.00
N ARG A 668 -12.01 -7.96 0.49
CA ARG A 668 -11.32 -7.46 -0.70
C ARG A 668 -10.36 -6.33 -0.33
N ASP A 669 -9.07 -6.59 -0.45
CA ASP A 669 -8.06 -5.61 -0.04
C ASP A 669 -7.74 -4.58 -1.12
N GLY A 670 -7.55 -3.35 -0.69
CA GLY A 670 -6.88 -2.33 -1.48
C GLY A 670 -7.68 -1.51 -2.48
N VAL A 671 -9.01 -1.58 -2.44
CA VAL A 671 -9.81 -0.82 -3.39
C VAL A 671 -10.18 0.55 -2.81
N SER A 672 -9.85 1.62 -3.52
CA SER A 672 -10.18 2.96 -3.06
C SER A 672 -11.63 3.31 -3.40
N GLU A 673 -12.16 4.34 -2.74
CA GLU A 673 -13.55 4.73 -2.87
C GLU A 673 -13.99 5.00 -4.30
N GLY A 674 -13.11 5.60 -5.09
CA GLY A 674 -13.42 5.93 -6.47
C GLY A 674 -13.57 4.71 -7.37
N GLN A 675 -13.26 3.53 -6.83
CA GLN A 675 -13.31 2.30 -7.60
C GLN A 675 -14.36 1.32 -7.09
N PHE A 676 -15.05 1.70 -6.01
CA PHE A 676 -16.00 0.81 -5.35
C PHE A 676 -17.03 0.19 -6.30
N GLN A 677 -17.74 1.05 -7.04
CA GLN A 677 -18.85 0.59 -7.88
C GLN A 677 -18.35 -0.29 -9.03
N GLN A 678 -17.25 0.12 -9.65
CA GLN A 678 -16.67 -0.64 -10.75
C GLN A 678 -16.23 -2.03 -10.29
N VAL A 679 -15.50 -2.07 -9.18
CA VAL A 679 -15.00 -3.32 -8.66
C VAL A 679 -16.15 -4.23 -8.20
N LEU A 680 -17.07 -3.66 -7.43
CA LEU A 680 -18.22 -4.41 -6.93
C LEU A 680 -19.05 -5.00 -8.05
N HIS A 681 -19.31 -4.20 -9.08
CA HIS A 681 -20.08 -4.65 -10.23
C HIS A 681 -19.53 -5.93 -10.88
N HIS A 682 -18.24 -5.92 -11.21
CA HIS A 682 -17.64 -7.09 -11.84
C HIS A 682 -17.47 -8.27 -10.86
N GLU A 683 -16.94 -7.97 -9.68
CA GLU A 683 -16.51 -9.05 -8.78
C GLU A 683 -17.67 -9.70 -8.04
N LEU A 684 -18.67 -8.92 -7.64
CA LEU A 684 -19.87 -9.50 -7.03
C LEU A 684 -20.59 -10.43 -8.01
N LEU A 685 -20.79 -9.95 -9.24
CA LEU A 685 -21.40 -10.77 -10.29
C LEU A 685 -20.54 -12.00 -10.60
N ALA A 686 -19.22 -11.84 -10.54
CA ALA A 686 -18.30 -12.96 -10.74
C ALA A 686 -18.52 -14.04 -9.68
N ILE A 687 -18.72 -13.62 -8.43
CA ILE A 687 -18.95 -14.57 -7.35
C ILE A 687 -20.28 -15.28 -7.56
N ARG A 688 -21.29 -14.53 -7.98
CA ARG A 688 -22.58 -15.13 -8.30
C ARG A 688 -22.44 -16.12 -9.45
N GLU A 689 -21.72 -15.72 -10.49
CA GLU A 689 -21.49 -16.59 -11.65
C GLU A 689 -20.89 -17.93 -11.24
N ALA A 690 -19.89 -17.89 -10.35
CA ALA A 690 -19.26 -19.11 -9.85
C ALA A 690 -20.28 -20.02 -9.18
N CYS A 691 -21.18 -19.44 -8.39
CA CYS A 691 -22.23 -20.20 -7.72
C CYS A 691 -23.21 -20.79 -8.72
N ILE A 692 -23.67 -19.94 -9.63
CA ILE A 692 -24.64 -20.32 -10.67
C ILE A 692 -24.18 -21.53 -11.48
N LYS A 693 -22.92 -21.50 -11.94
CA LYS A 693 -22.40 -22.55 -12.80
C LYS A 693 -22.07 -23.82 -12.02
N LEU A 694 -22.10 -23.74 -10.69
CA LEU A 694 -21.83 -24.92 -9.87
C LEU A 694 -23.09 -25.76 -9.68
N GLU A 695 -24.22 -25.10 -9.43
CA GLU A 695 -25.46 -25.80 -9.16
C GLU A 695 -26.68 -24.93 -9.37
N LYS A 696 -27.73 -25.54 -9.89
CA LYS A 696 -29.05 -24.93 -10.00
C LYS A 696 -29.51 -24.30 -8.69
N ASP A 697 -29.83 -23.02 -8.74
CA ASP A 697 -30.38 -22.29 -7.59
C ASP A 697 -29.50 -22.34 -6.34
N TYR A 698 -28.21 -22.57 -6.51
CA TYR A 698 -27.27 -22.42 -5.41
C TYR A 698 -26.96 -20.95 -5.22
N GLN A 699 -27.59 -20.34 -4.22
CA GLN A 699 -27.48 -18.89 -4.01
C GLN A 699 -27.12 -18.57 -2.58
N PRO A 700 -25.84 -18.78 -2.20
CA PRO A 700 -25.41 -18.43 -0.84
C PRO A 700 -25.37 -16.92 -0.66
N GLY A 701 -25.61 -16.46 0.57
CA GLY A 701 -25.54 -15.04 0.86
C GLY A 701 -24.11 -14.52 0.77
N ILE A 702 -23.93 -13.46 -0.02
CA ILE A 702 -22.61 -12.84 -0.17
C ILE A 702 -22.48 -11.56 0.65
N THR A 703 -21.40 -11.48 1.40
CA THR A 703 -21.02 -10.25 2.08
C THR A 703 -19.69 -9.76 1.51
N PHE A 704 -19.71 -8.57 0.93
CA PHE A 704 -18.56 -8.01 0.21
C PHE A 704 -17.98 -6.86 1.01
N ILE A 705 -16.76 -7.04 1.51
CA ILE A 705 -16.12 -6.06 2.37
C ILE A 705 -14.78 -5.58 1.79
N VAL A 706 -14.65 -4.26 1.63
CA VAL A 706 -13.37 -3.71 1.22
C VAL A 706 -12.53 -3.33 2.42
N VAL A 707 -11.30 -3.85 2.45
CA VAL A 707 -10.34 -3.55 3.50
C VAL A 707 -9.28 -2.59 2.99
N GLN A 708 -9.14 -1.45 3.66
CA GLN A 708 -8.12 -0.48 3.30
C GLN A 708 -7.21 -0.20 4.48
N LYS A 709 -5.93 -0.48 4.30
CA LYS A 709 -4.93 -0.26 5.32
C LYS A 709 -4.20 1.04 5.04
N ARG A 710 -4.15 1.41 3.77
CA ARG A 710 -3.39 2.59 3.36
C ARG A 710 -4.30 3.76 3.02
N HIS A 711 -4.89 4.33 4.06
CA HIS A 711 -5.67 5.56 3.95
C HIS A 711 -4.94 6.59 4.80
N HIS A 712 -5.60 7.71 5.11
CA HIS A 712 -4.94 8.77 5.85
C HIS A 712 -5.62 9.09 7.18
N THR A 713 -6.41 8.15 7.68
CA THR A 713 -7.05 8.33 8.97
C THR A 713 -6.13 7.85 10.07
N ARG A 714 -5.85 8.72 11.04
CA ARG A 714 -5.08 8.33 12.21
C ARG A 714 -5.92 8.53 13.47
N LEU A 715 -5.76 7.61 14.42
CA LEU A 715 -6.48 7.68 15.68
C LEU A 715 -5.49 7.69 16.84
N PHE A 716 -5.76 8.56 17.81
CA PHE A 716 -4.87 8.76 18.94
C PHE A 716 -5.62 8.63 20.25
N CYS A 717 -4.93 8.20 21.29
CA CYS A 717 -5.50 8.19 22.63
C CYS A 717 -5.65 9.60 23.15
N THR A 718 -6.84 9.95 23.62
CA THR A 718 -7.06 11.25 24.24
C THR A 718 -6.33 11.31 25.59
N ASP A 719 -6.42 10.22 26.35
CA ASP A 719 -5.73 10.13 27.63
C ASP A 719 -4.37 9.45 27.45
N LYS A 720 -3.32 10.10 27.94
CA LYS A 720 -1.98 9.52 27.84
C LYS A 720 -1.89 8.23 28.66
N ASN A 721 -2.84 8.08 29.58
CA ASN A 721 -3.00 6.87 30.37
C ASN A 721 -3.37 5.63 29.52
N GLU A 722 -3.96 5.89 28.35
CA GLU A 722 -4.40 4.81 27.46
C GLU A 722 -3.34 4.41 26.43
N ARG A 723 -2.31 5.24 26.27
CA ARG A 723 -1.27 4.97 25.29
C ARG A 723 -0.54 3.66 25.60
N VAL A 724 -0.30 2.85 24.58
CA VAL A 724 0.30 1.54 24.81
C VAL A 724 1.75 1.49 24.32
N GLY A 725 2.66 1.18 25.23
CA GLY A 725 4.04 0.92 24.87
C GLY A 725 4.87 2.14 24.47
N LYS A 726 6.05 1.87 23.93
CA LYS A 726 6.98 2.92 23.51
C LYS A 726 6.39 3.85 22.46
N SER A 727 5.65 3.29 21.50
CA SER A 727 5.11 4.07 20.40
C SER A 727 3.83 4.83 20.77
N GLY A 728 3.24 4.48 21.91
CA GLY A 728 2.08 5.20 22.44
C GLY A 728 0.81 5.13 21.59
N ASN A 729 0.56 3.97 20.97
CA ASN A 729 -0.61 3.82 20.12
C ASN A 729 -1.87 3.36 20.86
N ILE A 730 -3.01 3.49 20.19
CA ILE A 730 -4.26 2.92 20.66
C ILE A 730 -4.11 1.41 20.84
N PRO A 731 -4.87 0.81 21.76
CA PRO A 731 -4.71 -0.63 21.99
C PRO A 731 -5.34 -1.47 20.88
N ALA A 732 -4.87 -2.71 20.75
CA ALA A 732 -5.47 -3.65 19.81
C ALA A 732 -6.95 -3.88 20.15
N GLY A 733 -7.79 -3.87 19.11
CA GLY A 733 -9.21 -4.07 19.29
C GLY A 733 -10.02 -2.80 19.21
N THR A 734 -9.35 -1.66 19.14
CA THR A 734 -10.04 -0.37 19.08
C THR A 734 -10.88 -0.25 17.82
N THR A 735 -12.18 -0.04 18.01
CA THR A 735 -13.16 0.01 16.93
C THR A 735 -13.88 1.36 16.92
N VAL A 736 -14.07 1.91 15.72
CA VAL A 736 -14.80 3.16 15.56
C VAL A 736 -15.81 3.07 14.43
N ASP A 737 -17.10 3.27 14.74
CA ASP A 737 -18.12 3.27 13.70
C ASP A 737 -19.09 4.44 13.87
N THR A 738 -18.63 5.50 14.53
CA THR A 738 -19.43 6.70 14.69
C THR A 738 -18.65 7.96 14.34
N LYS A 739 -19.40 9.05 14.17
CA LYS A 739 -18.86 10.40 14.03
C LYS A 739 -18.05 10.67 12.76
N ILE A 740 -16.95 9.94 12.56
CA ILE A 740 -16.06 10.20 11.42
C ILE A 740 -16.29 9.23 10.27
N THR A 741 -17.23 8.31 10.44
CA THR A 741 -17.50 7.32 9.40
C THR A 741 -18.61 7.81 8.45
N HIS A 742 -18.98 6.96 7.49
CA HIS A 742 -19.91 7.36 6.43
C HIS A 742 -21.30 7.70 6.95
N PRO A 743 -21.89 8.80 6.45
CA PRO A 743 -23.22 9.29 6.86
C PRO A 743 -24.34 8.26 6.67
N THR A 744 -24.28 7.42 5.65
CA THR A 744 -25.38 6.50 5.40
C THR A 744 -24.97 5.03 5.28
N GLU A 745 -23.75 4.77 4.84
CA GLU A 745 -23.36 3.40 4.54
C GLU A 745 -22.71 2.68 5.71
N PHE A 746 -22.36 1.42 5.48
CA PHE A 746 -21.91 0.49 6.51
C PHE A 746 -20.38 0.36 6.51
N ASP A 747 -19.71 1.19 7.30
CA ASP A 747 -18.25 1.13 7.39
C ASP A 747 -17.73 1.35 8.82
N PHE A 748 -16.53 0.86 9.08
CA PHE A 748 -15.91 1.03 10.39
C PHE A 748 -14.39 0.91 10.35
N TYR A 749 -13.75 1.60 11.29
CA TYR A 749 -12.32 1.40 11.52
C TYR A 749 -12.12 0.34 12.60
N LEU A 750 -11.18 -0.57 12.36
CA LEU A 750 -10.78 -1.53 13.38
C LEU A 750 -9.26 -1.64 13.43
N CYS A 751 -8.67 -1.15 14.51
CA CYS A 751 -7.24 -1.31 14.72
C CYS A 751 -7.06 -2.61 15.50
N SER A 752 -6.76 -3.67 14.77
CA SER A 752 -6.80 -5.02 15.34
C SER A 752 -5.48 -5.45 15.96
N HIS A 753 -4.43 -4.66 15.76
CA HIS A 753 -3.08 -5.08 16.11
C HIS A 753 -2.42 -4.19 17.16
N ALA A 754 -1.43 -4.75 17.85
CA ALA A 754 -0.57 -3.97 18.72
C ALA A 754 0.33 -3.09 17.85
N GLY A 755 0.31 -1.78 18.10
CA GLY A 755 1.21 -0.90 17.40
C GLY A 755 2.53 -0.89 18.15
N ILE A 756 3.54 -1.56 17.63
CA ILE A 756 4.80 -1.59 18.36
C ILE A 756 5.65 -0.43 17.87
N GLN A 757 5.35 0.00 16.65
CA GLN A 757 6.17 0.94 15.90
C GLN A 757 5.42 2.13 15.29
N GLY A 758 5.96 3.35 15.48
CA GLY A 758 5.43 4.54 14.85
C GLY A 758 3.97 4.79 15.18
N THR A 759 3.17 5.23 14.21
CA THR A 759 1.74 5.39 14.43
C THR A 759 0.98 4.29 13.69
N SER A 760 0.15 3.57 14.43
CA SER A 760 -0.64 2.50 13.86
C SER A 760 -1.53 3.00 12.74
N ARG A 761 -1.68 2.18 11.71
CA ARG A 761 -2.70 2.38 10.69
C ARG A 761 -3.92 1.56 11.06
N PRO A 762 -5.01 2.23 11.45
CA PRO A 762 -6.24 1.49 11.73
C PRO A 762 -6.92 1.07 10.43
N SER A 763 -7.04 -0.23 10.21
CA SER A 763 -7.67 -0.73 8.98
C SER A 763 -9.10 -0.25 8.88
N HIS A 764 -9.51 0.11 7.67
CA HIS A 764 -10.87 0.53 7.41
C HIS A 764 -11.64 -0.54 6.63
N TYR A 765 -12.84 -0.83 7.09
CA TYR A 765 -13.68 -1.84 6.47
C TYR A 765 -14.95 -1.20 5.93
N HIS A 766 -15.25 -1.45 4.65
CA HIS A 766 -16.43 -0.89 4.02
C HIS A 766 -17.26 -1.99 3.38
N VAL A 767 -18.49 -2.16 3.83
CA VAL A 767 -19.36 -3.21 3.34
C VAL A 767 -20.06 -2.77 2.05
N LEU A 768 -19.69 -3.36 0.92
CA LEU A 768 -20.28 -2.94 -0.35
C LEU A 768 -21.56 -3.70 -0.66
N TRP A 769 -21.75 -4.85 -0.01
CA TRP A 769 -22.90 -5.70 -0.23
C TRP A 769 -23.03 -6.69 0.91
N ASP A 770 -24.25 -6.99 1.32
CA ASP A 770 -24.47 -7.92 2.43
C ASP A 770 -25.84 -8.60 2.38
N ASP A 771 -25.92 -9.73 1.67
CA ASP A 771 -27.13 -10.54 1.65
C ASP A 771 -27.45 -11.11 3.03
N ASN A 772 -26.42 -11.20 3.87
CA ASN A 772 -26.53 -11.91 5.14
C ASN A 772 -27.01 -11.05 6.29
N ARG A 773 -27.17 -9.75 6.03
CA ARG A 773 -27.69 -8.79 7.01
C ARG A 773 -26.99 -8.85 8.36
N PHE A 774 -25.66 -8.74 8.35
CA PHE A 774 -24.91 -8.64 9.59
C PHE A 774 -25.34 -7.44 10.42
N SER A 775 -25.31 -7.58 11.74
CA SER A 775 -25.33 -6.44 12.63
C SER A 775 -23.92 -5.87 12.66
N SER A 776 -23.79 -4.61 13.06
CA SER A 776 -22.47 -3.99 13.20
C SER A 776 -21.61 -4.78 14.17
N ASP A 777 -22.21 -5.21 15.28
CA ASP A 777 -21.46 -5.92 16.30
C ASP A 777 -20.91 -7.25 15.80
N GLU A 778 -21.75 -8.05 15.14
CA GLU A 778 -21.29 -9.37 14.72
C GLU A 778 -20.20 -9.26 13.65
N LEU A 779 -20.35 -8.33 12.72
CA LEU A 779 -19.38 -8.19 11.65
C LEU A 779 -18.04 -7.65 12.18
N GLN A 780 -18.12 -6.70 13.12
CA GLN A 780 -16.92 -6.15 13.73
C GLN A 780 -16.19 -7.20 14.56
N ILE A 781 -16.95 -8.00 15.31
CA ILE A 781 -16.36 -9.05 16.14
C ILE A 781 -15.77 -10.15 15.27
N LEU A 782 -16.51 -10.53 14.21
CA LEU A 782 -16.03 -11.54 13.26
C LEU A 782 -14.70 -11.11 12.65
N THR A 783 -14.66 -9.87 12.18
CA THR A 783 -13.47 -9.32 11.55
C THR A 783 -12.29 -9.36 12.51
N TYR A 784 -12.52 -8.90 13.74
CA TYR A 784 -11.49 -8.92 14.76
C TYR A 784 -11.00 -10.35 15.03
N GLN A 785 -11.92 -11.30 15.13
CA GLN A 785 -11.52 -12.68 15.42
C GLN A 785 -10.71 -13.30 14.27
N LEU A 786 -11.04 -12.94 13.04
CA LEU A 786 -10.30 -13.44 11.89
C LEU A 786 -8.86 -12.92 11.86
N CYS A 787 -8.62 -11.81 12.56
CA CYS A 787 -7.27 -11.27 12.70
C CYS A 787 -6.42 -12.09 13.68
N HIS A 788 -7.05 -13.02 14.38
CA HIS A 788 -6.35 -13.85 15.35
C HIS A 788 -6.12 -15.25 14.80
N THR A 789 -6.45 -15.47 13.53
CA THR A 789 -6.33 -16.81 12.95
C THR A 789 -5.11 -16.94 12.03
N TYR A 790 -4.29 -15.90 11.98
CA TYR A 790 -3.12 -15.86 11.12
C TYR A 790 -1.99 -16.74 11.67
N VAL A 791 -1.56 -17.72 10.87
CA VAL A 791 -0.78 -18.83 11.41
C VAL A 791 0.72 -18.56 11.59
N ARG A 792 1.23 -17.48 11.00
CA ARG A 792 2.68 -17.26 11.03
C ARG A 792 3.18 -16.58 12.31
N CYS A 793 2.24 -16.19 13.17
CA CYS A 793 2.63 -15.57 14.44
C CYS A 793 1.50 -15.64 15.46
N THR A 794 1.88 -15.63 16.74
CA THR A 794 0.90 -15.65 17.82
C THR A 794 0.54 -14.22 18.17
N ARG A 795 0.02 -13.49 17.19
CA ARG A 795 -0.38 -12.11 17.35
C ARG A 795 -1.64 -11.84 16.55
N SER A 796 -2.43 -10.87 16.99
CA SER A 796 -3.52 -10.37 16.18
C SER A 796 -2.93 -9.44 15.12
N VAL A 797 -3.12 -9.78 13.85
CA VAL A 797 -2.52 -8.97 12.79
C VAL A 797 -3.47 -7.86 12.33
N SER A 798 -2.97 -6.95 11.50
CA SER A 798 -3.65 -5.69 11.20
C SER A 798 -4.80 -5.82 10.19
N ILE A 799 -4.86 -6.95 9.48
CA ILE A 799 -5.97 -7.23 8.57
C ILE A 799 -6.36 -8.69 8.77
N PRO A 800 -7.59 -9.08 8.37
CA PRO A 800 -7.97 -10.47 8.60
C PRO A 800 -7.05 -11.46 7.88
N ALA A 801 -6.87 -12.65 8.43
CA ALA A 801 -5.95 -13.64 7.87
C ALA A 801 -6.20 -13.97 6.38
N PRO A 802 -7.47 -14.10 5.96
CA PRO A 802 -7.67 -14.38 4.52
C PRO A 802 -7.11 -13.29 3.61
N ALA A 803 -7.32 -12.02 3.97
CA ALA A 803 -6.78 -10.93 3.16
C ALA A 803 -5.25 -10.93 3.23
N TYR A 804 -4.71 -11.24 4.40
CA TYR A 804 -3.26 -11.29 4.57
C TYR A 804 -2.66 -12.41 3.72
N TYR A 805 -3.30 -13.58 3.72
CA TYR A 805 -2.84 -14.71 2.91
C TYR A 805 -2.85 -14.37 1.42
N ALA A 806 -3.85 -13.62 0.98
CA ALA A 806 -3.93 -13.22 -0.42
C ALA A 806 -2.67 -12.45 -0.81
N HIS A 807 -2.22 -11.54 0.06
CA HIS A 807 -0.97 -10.82 -0.18
C HIS A 807 0.22 -11.77 -0.32
N LEU A 808 0.32 -12.75 0.57
CA LEU A 808 1.45 -13.69 0.54
C LEU A 808 1.47 -14.49 -0.75
N VAL A 809 0.28 -14.90 -1.20
CA VAL A 809 0.13 -15.63 -2.46
C VAL A 809 0.55 -14.76 -3.65
N ALA A 810 0.09 -13.51 -3.67
CA ALA A 810 0.45 -12.58 -4.73
C ALA A 810 1.96 -12.36 -4.78
N PHE A 811 2.57 -12.17 -3.61
CA PHE A 811 4.01 -11.96 -3.54
C PHE A 811 4.82 -13.20 -3.93
N ARG A 812 4.26 -14.39 -3.67
CA ARG A 812 4.94 -15.62 -4.06
C ARG A 812 4.95 -15.77 -5.58
N ALA A 813 3.82 -15.42 -6.21
CA ALA A 813 3.73 -15.43 -7.67
C ALA A 813 4.75 -14.46 -8.27
N ARG A 814 4.93 -13.32 -7.63
CA ARG A 814 5.89 -12.33 -8.10
C ARG A 814 7.30 -12.92 -8.08
N TYR A 815 7.59 -13.73 -7.06
CA TYR A 815 8.86 -14.43 -6.98
C TYR A 815 8.99 -15.48 -8.08
N HIS A 816 7.88 -16.13 -8.40
CA HIS A 816 7.86 -17.12 -9.49
C HIS A 816 8.10 -16.45 -10.85
N LEU A 817 7.90 -15.14 -10.90
CA LEU A 817 7.99 -14.37 -12.14
C LEU A 817 9.26 -13.54 -12.28
N VAL A 818 10.14 -13.57 -11.28
CA VAL A 818 11.35 -12.76 -11.31
C VAL A 818 12.15 -12.97 -12.60
N ASP A 819 12.42 -11.86 -13.29
CA ASP A 819 13.13 -11.84 -14.58
C ASP A 819 12.37 -12.55 -15.70
N LYS A 820 11.15 -12.98 -15.45
CA LYS A 820 10.34 -13.58 -16.51
C LYS A 820 9.31 -12.61 -17.03
N GLU A 821 9.04 -11.57 -16.25
CA GLU A 821 8.10 -10.53 -16.64
C GLU A 821 8.84 -9.38 -17.32
N GLY A 836 -0.75 -12.65 -25.56
CA GLY A 836 -1.28 -13.90 -26.09
C GLY A 836 -0.35 -15.06 -25.79
N ARG A 837 0.79 -15.07 -26.48
CA ARG A 837 1.88 -15.97 -26.12
C ARG A 837 2.51 -15.50 -24.83
N ASP A 838 2.58 -14.17 -24.68
CA ASP A 838 3.14 -13.55 -23.49
C ASP A 838 2.37 -13.98 -22.25
N HIS A 839 1.05 -13.82 -22.30
CA HIS A 839 0.20 -14.14 -21.17
C HIS A 839 0.29 -15.61 -20.78
N GLN A 840 0.27 -16.48 -21.78
CA GLN A 840 0.30 -17.92 -21.51
C GLN A 840 1.60 -18.33 -20.82
N ALA A 841 2.69 -17.68 -21.21
CA ALA A 841 3.99 -17.94 -20.59
C ALA A 841 3.99 -17.54 -19.12
N LEU A 842 3.48 -16.35 -18.83
CA LEU A 842 3.50 -15.85 -17.46
C LEU A 842 2.50 -16.62 -16.60
N ALA A 843 1.37 -16.98 -17.19
CA ALA A 843 0.35 -17.77 -16.49
C ALA A 843 0.90 -19.13 -16.07
N LYS A 844 1.66 -19.75 -16.96
CA LYS A 844 2.28 -21.04 -16.65
C LYS A 844 3.30 -20.92 -15.51
N ALA A 845 4.01 -19.79 -15.48
CA ALA A 845 5.03 -19.56 -14.47
C ALA A 845 4.47 -19.50 -13.04
N VAL A 846 3.27 -18.94 -12.88
CA VAL A 846 2.66 -18.81 -11.55
C VAL A 846 1.74 -19.98 -11.20
N GLN A 847 1.60 -20.94 -12.12
CA GLN A 847 0.79 -22.12 -11.85
C GLN A 847 1.56 -23.11 -10.99
N VAL A 848 1.04 -23.40 -9.80
CA VAL A 848 1.72 -24.33 -8.91
C VAL A 848 1.41 -25.78 -9.30
N HIS A 849 2.30 -26.68 -8.87
CA HIS A 849 2.15 -28.10 -9.10
C HIS A 849 0.83 -28.62 -8.53
N GLN A 850 0.34 -29.72 -9.09
CA GLN A 850 -0.90 -30.35 -8.65
C GLN A 850 -0.88 -30.68 -7.15
N ASP A 851 0.25 -31.17 -6.67
CA ASP A 851 0.39 -31.53 -5.26
C ASP A 851 0.45 -30.30 -4.36
N THR A 852 0.88 -29.18 -4.91
CA THR A 852 0.99 -27.93 -4.16
C THR A 852 -0.36 -27.22 -4.08
N LEU A 853 -1.20 -27.45 -5.09
CA LEU A 853 -2.50 -26.78 -5.24
C LEU A 853 -3.36 -26.73 -3.98
N ARG A 854 -3.28 -27.76 -3.14
CA ARG A 854 -4.16 -27.85 -1.98
C ARG A 854 -3.40 -27.67 -0.67
N THR A 855 -2.26 -26.99 -0.75
CA THR A 855 -1.42 -26.78 0.42
C THR A 855 -1.29 -25.29 0.75
N MET A 856 -0.75 -25.00 1.93
CA MET A 856 -0.46 -23.62 2.29
C MET A 856 1.02 -23.33 2.06
N TYR A 857 1.44 -23.52 0.81
CA TYR A 857 2.82 -23.31 0.37
C TYR A 857 3.27 -21.86 0.55
N PHE A 858 2.30 -20.96 0.66
CA PHE A 858 2.57 -19.54 0.73
C PHE A 858 2.93 -19.09 2.14
N ALA A 859 2.81 -19.99 3.12
CA ALA A 859 3.04 -19.62 4.51
C ALA A 859 4.51 -19.30 4.76
N TRP D . -19.53 -28.86 -8.47
CA TRP D . -18.92 -29.59 -7.36
C TRP D . -18.17 -30.82 -7.88
O TRP D . -17.84 -30.90 -9.06
CB TRP D . -19.98 -30.00 -6.34
CG TRP D . -20.91 -28.88 -5.96
CD1 TRP D . -22.20 -28.71 -6.39
CD2 TRP D . -20.64 -27.78 -5.10
NE1 TRP D . -22.73 -27.56 -5.84
CE2 TRP D . -21.79 -26.97 -5.04
CE3 TRP D . -19.51 -27.39 -4.35
CZ2 TRP D . -21.86 -25.82 -4.27
CZ3 TRP D . -19.59 -26.23 -3.59
CH2 TRP D . -20.75 -25.46 -3.55
OXT TRP D . -17.89 -31.75 -7.13
N TRP E . -19.47 -29.07 10.83
CA TRP E . -20.59 -28.25 11.28
C TRP E . -21.71 -29.08 11.90
O TRP E . -22.04 -28.89 13.08
CB TRP E . -21.14 -27.41 10.12
CG TRP E . -20.54 -26.05 10.04
CD1 TRP E . -20.87 -24.97 10.80
CD2 TRP E . -19.50 -25.62 9.16
NE1 TRP E . -20.10 -23.88 10.44
CE2 TRP E . -19.25 -24.26 9.44
CE3 TRP E . -18.75 -26.24 8.15
CZ2 TRP E . -18.30 -23.51 8.75
CZ3 TRP E . -17.80 -25.51 7.47
CH2 TRP E . -17.58 -24.15 7.78
OXT TRP E . -22.31 -29.93 11.25
N TRP F . -29.90 -13.95 -2.81
CA TRP F . -29.97 -12.93 -3.85
C TRP F . -31.44 -12.65 -4.20
O TRP F . -32.22 -12.28 -3.33
CB TRP F . -29.23 -13.37 -5.13
CG TRP F . -27.94 -14.11 -4.89
CD1 TRP F . -27.15 -14.07 -3.77
CD2 TRP F . -27.30 -15.00 -5.81
NE1 TRP F . -26.06 -14.89 -3.94
CE2 TRP F . -26.13 -15.47 -5.19
CE3 TRP F . -27.60 -15.45 -7.10
CZ2 TRP F . -25.26 -16.36 -5.81
CZ3 TRP F . -26.75 -16.34 -7.71
CH2 TRP F . -25.59 -16.79 -7.07
OXT TRP F . -31.85 -12.79 -5.35
C1 IPA G . 15.43 22.86 -3.22
C2 IPA G . 15.32 24.33 -2.83
C3 IPA G . 13.96 24.87 -3.26
O2 IPA G . 15.46 24.44 -1.43
C1 IPA H . 5.54 -3.89 -6.21
C2 IPA H . 4.71 -2.94 -5.35
C3 IPA H . 4.47 -1.64 -6.10
O2 IPA H . 3.46 -3.55 -5.06
MG MG I . -3.48 -4.82 -3.62
C1 IPA J . 16.89 -12.32 2.43
C2 IPA J . 16.25 -10.94 2.24
C3 IPA J . 17.32 -9.90 1.99
O2 IPA J . 15.38 -10.99 1.12
MG MG K . -5.81 7.05 -13.71
MG MG L . 11.80 -6.00 5.86
#